data_4DG6
#
_entry.id   4DG6
#
_cell.length_a   109.360
_cell.length_b   109.360
_cell.length_c   130.880
_cell.angle_alpha   90.00
_cell.angle_beta   90.00
_cell.angle_gamma   120.00
#
_symmetry.space_group_name_H-M   'P 31 2 1'
#
loop_
_entity.id
_entity.type
_entity.pdbx_description
1 polymer 'Low-density lipoprotein receptor-related protein 6'
2 branched 2-acetamido-2-deoxy-beta-D-glucopyranose-(1-4)-2-acetamido-2-deoxy-beta-D-glucopyranose
3 non-polymer 'PHOSPHATE ION'
4 water water
#
_entity_poly.entity_id   1
_entity_poly.type   'polypeptide(L)'
_entity_poly.pdbx_seq_one_letter_code
;APLLLYANRRDLRLVDATNGKENATIVVGGLEDAAAVDFVFSHGLIYWSDVSEEAIKRTEFNKTESVQNVVVSGLLSPDG
LACDWLGEKLYWTDSETNRIEVSNLDGSLRKVLFWQELDQPRAIALDPSSGFMYWTDWGEVPKIERAGMDGSSRFIIINS
EIYWPNGLTLDYEEQKLYWADAKLNFIHKSNLDGTNRQAVVKGSLPHPFALTLFEDILYWTDWSTHSILACNKYTGEGLR
EIHSDIFSPMDIHAFSQQRQPNATNPCGIDNGGCSHLCLMSPVKPFYQCACPTGVKLLENGKTCKDGATELLLLARRTDL
RRISLDTPDFTDIVLQLEDIRHAIAIDYDPVEGYIYWTDDEVRAIRRSFIDGSGSQFVVTAQIAHPDGIAVDWVARNLYW
TDTGTDRIEVTRLNGTMRKILISEDLEEPRAIVLDPMVGYMYWTDWGEIPKIERAALDGSDRVVLVNTSLGWPNGLALDY
DEGKIYWGDAKTDKIEVMNTDGTGRRVLVEDKIPHIFGFTLLGDYVYWTDWQRRSIERVHKRSAEREVIIDQLPDLMGLK
ATNVHRVIGSNPCAEENGGCSHLCLYRPQGLRCACPIGFELISDMKTCIVPEAFLL
;
_entity_poly.pdbx_strand_id   A
#
loop_
_chem_comp.id
_chem_comp.type
_chem_comp.name
_chem_comp.formula
NAG D-saccharide, beta linking 2-acetamido-2-deoxy-beta-D-glucopyranose 'C8 H15 N O6'
PO4 non-polymer 'PHOSPHATE ION' 'O4 P -3'
#
# COMPACT_ATOMS: atom_id res chain seq x y z
N ALA A 1 -16.78 38.55 -13.50
CA ALA A 1 -17.57 38.09 -12.32
C ALA A 1 -17.01 36.78 -11.75
N PRO A 2 -16.31 36.86 -10.60
CA PRO A 2 -15.65 35.67 -10.05
C PRO A 2 -16.69 34.66 -9.57
N LEU A 3 -16.72 33.49 -10.22
CA LEU A 3 -17.45 32.35 -9.66
C LEU A 3 -16.64 31.71 -8.54
N LEU A 4 -17.28 31.45 -7.40
CA LEU A 4 -16.63 30.70 -6.33
C LEU A 4 -17.13 29.26 -6.29
N LEU A 5 -16.22 28.33 -6.11
CA LEU A 5 -16.56 26.90 -6.07
C LEU A 5 -16.17 26.31 -4.72
N TYR A 6 -17.07 25.54 -4.15
CA TYR A 6 -16.89 25.11 -2.77
C TYR A 6 -17.59 23.79 -2.49
N ALA A 7 -16.95 22.99 -1.64
CA ALA A 7 -17.54 21.73 -1.18
C ALA A 7 -18.60 22.02 -0.13
N ASN A 8 -19.44 21.04 0.12
CA ASN A 8 -20.56 21.28 1.01
C ASN A 8 -21.08 20.00 1.61
N ARG A 9 -20.22 18.99 1.69
CA ARG A 9 -20.50 17.75 2.39
C ARG A 9 -21.48 16.90 1.63
N ARG A 10 -22.63 17.51 1.32
CA ARG A 10 -23.69 16.82 0.59
C ARG A 10 -23.57 17.03 -0.91
N ASP A 11 -22.93 18.11 -1.33
CA ASP A 11 -22.72 18.37 -2.74
C ASP A 11 -21.56 19.31 -2.97
N LEU A 12 -21.09 19.39 -4.21
CA LEU A 12 -20.19 20.48 -4.60
C LEU A 12 -21.07 21.60 -5.11
N ARG A 13 -20.65 22.85 -4.88
CA ARG A 13 -21.45 23.98 -5.31
C ARG A 13 -20.66 25.13 -5.94
N LEU A 14 -21.24 25.68 -7.00
CA LEU A 14 -20.69 26.85 -7.68
C LEU A 14 -21.60 28.04 -7.44
N VAL A 15 -21.03 29.13 -6.94
CA VAL A 15 -21.79 30.36 -6.76
C VAL A 15 -20.94 31.61 -6.95
N ASP A 16 -21.49 32.56 -7.69
CA ASP A 16 -21.44 33.97 -7.33
C ASP A 16 -22.08 34.81 -8.41
N ALA A 17 -21.84 34.43 -9.67
CA ALA A 17 -22.11 35.30 -10.81
C ALA A 17 -21.36 36.62 -10.59
N THR A 18 -22.08 37.73 -10.61
CA THR A 18 -21.51 39.02 -10.24
C THR A 18 -21.96 39.38 -8.80
N ASN A 19 -22.16 38.35 -7.98
CA ASN A 19 -22.70 38.49 -6.62
C ASN A 19 -24.14 38.98 -6.62
N GLY A 20 -25.02 38.24 -7.30
CA GLY A 20 -26.40 38.66 -7.44
C GLY A 20 -27.35 37.51 -7.78
N LYS A 21 -28.61 37.68 -7.35
CA LYS A 21 -29.71 36.74 -7.64
C LYS A 21 -29.62 35.37 -6.95
N GLU A 22 -28.55 35.18 -6.17
CA GLU A 22 -28.36 33.97 -5.36
C GLU A 22 -28.52 32.69 -6.18
N ASN A 23 -27.77 32.62 -7.27
CA ASN A 23 -27.73 31.40 -8.08
C ASN A 23 -26.58 30.51 -7.63
N ALA A 24 -26.76 29.83 -6.50
CA ALA A 24 -25.80 28.80 -6.11
C ALA A 24 -26.21 27.54 -6.84
N THR A 25 -25.34 27.06 -7.72
CA THR A 25 -25.65 25.88 -8.53
C THR A 25 -25.01 24.62 -7.98
N ILE A 26 -25.81 23.55 -7.89
CA ILE A 26 -25.33 22.27 -7.39
C ILE A 26 -24.58 21.52 -8.47
N VAL A 27 -23.29 21.82 -8.60
CA VAL A 27 -22.48 21.24 -9.66
C VAL A 27 -22.56 19.72 -9.68
N VAL A 28 -22.03 19.08 -8.65
CA VAL A 28 -22.26 17.67 -8.44
C VAL A 28 -23.15 17.55 -7.23
N GLY A 29 -23.67 16.36 -6.96
CA GLY A 29 -24.53 16.20 -5.81
C GLY A 29 -24.69 14.75 -5.41
N GLY A 30 -25.46 14.52 -4.35
CA GLY A 30 -25.62 13.17 -3.85
C GLY A 30 -24.33 12.56 -3.33
N LEU A 31 -23.34 13.40 -3.02
CA LEU A 31 -22.13 12.94 -2.35
C LEU A 31 -22.48 12.62 -0.89
N GLU A 32 -21.52 12.14 -0.10
CA GLU A 32 -21.77 11.65 1.26
C GLU A 32 -21.10 12.48 2.37
N ASP A 33 -19.83 12.84 2.15
CA ASP A 33 -19.07 13.66 3.08
C ASP A 33 -17.85 14.30 2.40
N ALA A 34 -18.12 15.23 1.49
CA ALA A 34 -17.08 15.84 0.67
C ALA A 34 -16.23 16.88 1.42
N ALA A 35 -14.93 16.90 1.17
CA ALA A 35 -14.06 17.81 1.91
C ALA A 35 -13.32 18.80 1.02
N ALA A 36 -12.56 18.26 0.08
CA ALA A 36 -11.72 19.07 -0.81
C ALA A 36 -12.29 19.01 -2.21
N VAL A 37 -12.00 20.06 -2.99
CA VAL A 37 -12.27 20.08 -4.44
C VAL A 37 -11.13 20.82 -5.12
N ASP A 38 -11.12 20.76 -6.45
CA ASP A 38 -10.24 21.57 -7.26
C ASP A 38 -10.66 21.25 -8.68
N PHE A 39 -10.00 21.88 -9.65
CA PHE A 39 -10.34 21.70 -11.06
C PHE A 39 -9.10 21.79 -11.94
N VAL A 40 -9.22 21.27 -13.15
CA VAL A 40 -8.31 21.68 -14.22
C VAL A 40 -9.22 22.34 -15.25
N PHE A 41 -9.09 23.65 -15.42
CA PHE A 41 -10.15 24.41 -16.05
C PHE A 41 -10.25 24.07 -17.53
N SER A 42 -9.09 24.08 -18.18
CA SER A 42 -8.97 23.77 -19.60
C SER A 42 -9.77 22.53 -19.97
N HIS A 43 -9.55 21.46 -19.20
CA HIS A 43 -10.18 20.18 -19.48
C HIS A 43 -11.57 20.08 -18.88
N GLY A 44 -11.96 21.10 -18.13
CA GLY A 44 -13.32 21.16 -17.62
C GLY A 44 -13.56 20.14 -16.52
N LEU A 45 -12.51 19.87 -15.76
CA LEU A 45 -12.53 18.84 -14.73
C LEU A 45 -12.76 19.42 -13.34
N ILE A 46 -13.61 18.75 -12.57
CA ILE A 46 -13.81 19.04 -11.15
C ILE A 46 -13.51 17.84 -10.26
N TYR A 47 -12.51 17.97 -9.38
CA TYR A 47 -12.20 16.93 -8.40
C TYR A 47 -12.69 17.24 -6.98
N TRP A 48 -13.09 16.20 -6.27
CA TRP A 48 -13.33 16.31 -4.83
C TRP A 48 -12.90 15.07 -4.06
N SER A 49 -12.80 15.21 -2.75
CA SER A 49 -12.60 14.07 -1.86
C SER A 49 -13.84 13.81 -1.03
N ASP A 50 -14.00 12.56 -0.62
CA ASP A 50 -15.11 12.16 0.24
C ASP A 50 -14.57 11.31 1.39
N VAL A 51 -14.80 11.78 2.60
CA VAL A 51 -14.14 11.23 3.78
C VAL A 51 -14.83 9.96 4.28
N SER A 52 -16.08 9.78 3.86
CA SER A 52 -16.86 8.61 4.26
C SER A 52 -16.62 7.51 3.23
N GLU A 53 -16.30 7.93 2.02
CA GLU A 53 -16.06 6.96 0.97
C GLU A 53 -14.59 6.70 0.76
N GLU A 54 -13.78 7.52 1.41
CA GLU A 54 -12.33 7.43 1.24
C GLU A 54 -12.04 7.21 -0.24
N ALA A 55 -12.49 8.16 -1.05
CA ALA A 55 -12.15 8.21 -2.46
C ALA A 55 -12.03 9.66 -2.91
N ILE A 56 -11.33 9.84 -4.02
CA ILE A 56 -11.20 11.12 -4.68
C ILE A 56 -11.82 10.88 -6.04
N LYS A 57 -12.64 11.81 -6.50
CA LYS A 57 -13.36 11.61 -7.75
C LYS A 57 -13.31 12.87 -8.60
N ARG A 58 -13.81 12.77 -9.83
CA ARG A 58 -13.84 13.91 -10.76
C ARG A 58 -15.06 13.85 -11.68
N THR A 59 -15.49 15.02 -12.15
CA THR A 59 -16.57 15.11 -13.14
C THR A 59 -16.29 16.14 -14.24
N GLU A 60 -17.19 16.18 -15.22
CA GLU A 60 -17.09 17.09 -16.37
C GLU A 60 -18.01 18.29 -16.16
N PHE A 61 -17.47 19.50 -16.28
CA PHE A 61 -18.21 20.72 -15.98
C PHE A 61 -19.51 20.85 -16.78
N ASN A 62 -19.49 20.32 -18.01
CA ASN A 62 -20.66 20.38 -18.88
C ASN A 62 -21.85 19.63 -18.29
N LYS A 63 -23.03 19.82 -18.90
CA LYS A 63 -24.23 19.10 -18.48
C LYS A 63 -23.99 17.60 -18.63
N THR A 64 -23.80 16.93 -17.51
CA THR A 64 -23.49 15.51 -17.53
C THR A 64 -23.50 14.93 -16.12
N GLU A 65 -23.72 13.62 -16.04
CA GLU A 65 -23.59 12.90 -14.76
C GLU A 65 -22.16 12.43 -14.57
N SER A 66 -21.39 12.44 -15.67
CA SER A 66 -20.12 11.73 -15.72
C SER A 66 -19.26 11.95 -14.47
N VAL A 67 -19.20 10.91 -13.65
CA VAL A 67 -18.34 10.89 -12.48
C VAL A 67 -17.44 9.66 -12.51
N GLN A 68 -16.16 9.86 -12.24
CA GLN A 68 -15.20 8.77 -12.27
C GLN A 68 -14.41 8.69 -10.97
N ASN A 69 -14.41 7.50 -10.38
CA ASN A 69 -13.54 7.21 -9.26
C ASN A 69 -12.09 7.46 -9.71
N VAL A 70 -11.30 8.14 -8.87
CA VAL A 70 -9.95 8.55 -9.25
C VAL A 70 -8.90 7.94 -8.35
N VAL A 71 -9.13 8.02 -7.04
CA VAL A 71 -8.45 7.15 -6.09
C VAL A 71 -9.54 6.50 -5.24
N VAL A 72 -9.39 5.22 -4.95
CA VAL A 72 -10.43 4.55 -4.20
C VAL A 72 -9.80 3.55 -3.27
N SER A 73 -8.66 3.92 -2.72
CA SER A 73 -7.88 3.01 -1.93
C SER A 73 -6.66 3.68 -1.36
N GLY A 74 -6.46 3.50 -0.05
CA GLY A 74 -5.24 3.97 0.55
C GLY A 74 -5.49 5.31 1.18
N LEU A 75 -6.77 5.69 1.21
CA LEU A 75 -7.14 7.02 1.69
C LEU A 75 -7.94 6.89 2.97
N LEU A 76 -7.70 7.82 3.89
CA LEU A 76 -8.50 7.90 5.12
C LEU A 76 -9.14 9.28 5.36
N SER A 77 -8.33 10.32 5.41
CA SER A 77 -8.87 11.67 5.49
C SER A 77 -8.23 12.63 4.48
N PRO A 78 -8.49 12.41 3.18
CA PRO A 78 -8.03 13.36 2.16
C PRO A 78 -8.72 14.74 2.29
N ASP A 79 -8.08 15.71 2.94
CA ASP A 79 -8.75 16.97 3.24
C ASP A 79 -8.16 18.15 2.45
N GLY A 80 -7.20 17.84 1.58
CA GLY A 80 -6.54 18.83 0.76
C GLY A 80 -6.33 18.26 -0.62
N LEU A 81 -6.56 19.08 -1.65
CA LEU A 81 -6.57 18.59 -3.01
C LEU A 81 -6.12 19.72 -3.92
N ALA A 82 -5.17 19.47 -4.80
CA ALA A 82 -4.68 20.49 -5.72
C ALA A 82 -4.28 19.85 -7.04
N CYS A 83 -4.87 20.35 -8.13
CA CYS A 83 -4.60 19.88 -9.49
C CYS A 83 -3.47 20.69 -10.09
N ASP A 84 -2.63 20.03 -10.85
CA ASP A 84 -1.57 20.71 -11.57
C ASP A 84 -1.98 20.85 -13.02
N TRP A 85 -2.38 22.05 -13.40
CA TRP A 85 -2.99 22.28 -14.72
C TRP A 85 -1.91 22.35 -15.81
N LEU A 86 -0.66 22.42 -15.38
CA LEU A 86 0.46 22.53 -16.30
C LEU A 86 1.07 21.15 -16.57
N GLY A 87 1.87 20.65 -15.63
CA GLY A 87 2.45 19.32 -15.76
C GLY A 87 1.41 18.21 -15.83
N GLU A 88 0.14 18.56 -15.63
CA GLU A 88 -0.95 17.60 -15.75
C GLU A 88 -0.85 16.49 -14.70
N LYS A 89 -0.76 16.89 -13.44
CA LYS A 89 -0.73 15.93 -12.36
C LYS A 89 -1.80 16.26 -11.31
N LEU A 90 -2.02 15.34 -10.38
CA LEU A 90 -2.93 15.55 -9.25
C LEU A 90 -2.22 15.31 -7.92
N TYR A 91 -2.23 16.32 -7.06
CA TYR A 91 -1.62 16.23 -5.74
C TYR A 91 -2.71 16.23 -4.66
N TRP A 92 -2.43 15.62 -3.52
CA TRP A 92 -3.40 15.58 -2.41
C TRP A 92 -2.71 15.12 -1.13
N THR A 93 -3.06 15.78 -0.03
CA THR A 93 -2.58 15.44 1.31
C THR A 93 -3.61 14.53 1.98
N ASP A 94 -3.18 13.73 2.95
CA ASP A 94 -4.14 12.96 3.74
C ASP A 94 -3.81 13.14 5.22
N SER A 95 -4.72 13.75 5.98
CA SER A 95 -4.35 14.21 7.32
C SER A 95 -4.22 13.09 8.33
N GLU A 96 -4.67 11.89 7.98
CA GLU A 96 -4.60 10.77 8.91
C GLU A 96 -3.56 9.73 8.50
N THR A 97 -3.37 9.50 7.20
CA THR A 97 -2.29 8.61 6.80
C THR A 97 -0.99 9.39 6.76
N ASN A 98 -1.09 10.71 6.95
CA ASN A 98 0.10 11.54 7.08
C ASN A 98 1.00 11.33 5.90
N ARG A 99 0.42 11.22 4.72
CA ARG A 99 1.20 11.06 3.48
C ARG A 99 0.93 12.26 2.58
N ILE A 100 1.77 12.45 1.57
CA ILE A 100 1.47 13.39 0.48
C ILE A 100 1.78 12.74 -0.85
N GLU A 101 0.80 12.69 -1.74
CA GLU A 101 0.97 11.87 -2.93
C GLU A 101 0.65 12.60 -4.20
N VAL A 102 0.90 11.95 -5.34
CA VAL A 102 0.56 12.53 -6.64
C VAL A 102 0.11 11.44 -7.61
N SER A 103 -0.63 11.82 -8.65
CA SER A 103 -0.96 10.88 -9.70
C SER A 103 -1.18 11.63 -11.02
N ASN A 104 -1.49 10.89 -12.08
CA ASN A 104 -2.02 11.51 -13.29
C ASN A 104 -3.46 11.87 -13.00
N LEU A 105 -4.03 12.70 -13.85
CA LEU A 105 -5.40 13.15 -13.68
C LEU A 105 -6.41 12.02 -13.87
N ASP A 106 -5.94 10.77 -13.81
CA ASP A 106 -6.86 9.63 -13.82
C ASP A 106 -6.51 8.62 -12.73
N GLY A 107 -5.68 9.05 -11.78
CA GLY A 107 -5.46 8.25 -10.59
C GLY A 107 -4.32 7.28 -10.77
N SER A 108 -3.72 7.36 -11.95
CA SER A 108 -2.80 6.34 -12.42
C SER A 108 -1.40 6.79 -12.12
N LEU A 109 -0.47 5.83 -12.14
CA LEU A 109 0.92 6.09 -11.81
C LEU A 109 1.04 6.82 -10.48
N ARG A 110 0.45 6.24 -9.44
CA ARG A 110 0.26 6.95 -8.18
C ARG A 110 1.53 6.97 -7.35
N LYS A 111 2.19 8.11 -7.25
CA LYS A 111 3.42 8.18 -6.48
C LYS A 111 3.26 8.88 -5.14
N VAL A 112 3.79 8.28 -4.08
CA VAL A 112 3.85 8.94 -2.78
C VAL A 112 5.07 9.85 -2.75
N LEU A 113 4.83 11.14 -2.57
CA LEU A 113 5.92 12.09 -2.47
C LEU A 113 6.61 12.05 -1.12
N PHE A 114 5.94 12.58 -0.09
CA PHE A 114 6.50 12.60 1.26
C PHE A 114 5.66 11.76 2.19
N TRP A 115 6.25 11.34 3.30
CA TRP A 115 5.55 10.48 4.25
C TRP A 115 6.21 10.52 5.61
N GLN A 116 7.40 11.11 5.68
CA GLN A 116 8.08 11.30 6.96
C GLN A 116 7.87 12.68 7.57
N GLU A 117 7.84 12.73 8.90
CA GLU A 117 7.75 13.98 9.66
C GLU A 117 6.52 14.82 9.33
N LEU A 118 5.41 14.14 9.08
CA LEU A 118 4.15 14.78 8.71
C LEU A 118 3.10 14.61 9.80
N ASP A 119 2.58 15.72 10.28
CA ASP A 119 1.54 15.64 11.28
C ASP A 119 0.30 16.31 10.72
N GLN A 120 -0.66 15.52 10.28
CA GLN A 120 -1.93 16.05 9.82
C GLN A 120 -1.78 17.11 8.74
N PRO A 121 -1.12 16.76 7.62
CA PRO A 121 -1.09 17.67 6.46
C PRO A 121 -2.49 17.86 5.89
N ARG A 122 -2.86 19.12 5.68
CA ARG A 122 -4.20 19.48 5.22
C ARG A 122 -4.17 20.33 3.97
N ALA A 123 -4.18 21.64 4.17
CA ALA A 123 -4.27 22.60 3.07
C ALA A 123 -3.11 22.37 2.11
N ILE A 124 -3.38 22.51 0.81
CA ILE A 124 -2.33 22.36 -0.18
C ILE A 124 -2.45 23.35 -1.35
N ALA A 125 -1.30 23.93 -1.73
CA ALA A 125 -1.23 24.85 -2.86
C ALA A 125 -0.05 24.54 -3.81
N LEU A 126 -0.33 24.54 -5.11
CA LEU A 126 0.68 24.32 -6.13
C LEU A 126 1.13 25.63 -6.78
N ASP A 127 2.41 25.71 -7.13
CA ASP A 127 2.92 26.80 -7.97
C ASP A 127 3.57 26.24 -9.24
N PRO A 128 2.76 25.74 -10.20
CA PRO A 128 3.32 25.12 -11.41
C PRO A 128 4.22 26.07 -12.21
N SER A 129 3.98 27.37 -12.08
CA SER A 129 4.88 28.36 -12.65
C SER A 129 6.32 27.98 -12.31
N SER A 130 6.64 28.02 -11.02
CA SER A 130 7.89 27.45 -10.55
C SER A 130 7.64 25.96 -10.36
N GLY A 131 8.49 25.32 -9.58
CA GLY A 131 8.29 23.92 -9.27
C GLY A 131 7.95 23.74 -7.80
N PHE A 132 7.15 24.65 -7.26
CA PHE A 132 6.89 24.64 -5.83
C PHE A 132 5.47 24.28 -5.48
N MET A 133 5.33 23.31 -4.58
CA MET A 133 4.06 23.05 -3.91
C MET A 133 4.19 23.50 -2.44
N TYR A 134 3.09 24.03 -1.92
CA TYR A 134 3.03 24.47 -0.52
C TYR A 134 1.90 23.70 0.16
N TRP A 135 2.12 23.31 1.41
CA TRP A 135 1.04 22.76 2.23
C TRP A 135 1.25 23.11 3.70
N THR A 136 0.28 22.78 4.54
CA THR A 136 0.40 23.00 5.98
C THR A 136 0.09 21.71 6.72
N ASP A 137 1.05 21.22 7.48
CA ASP A 137 0.73 20.18 8.43
C ASP A 137 0.71 20.81 9.82
N TRP A 138 -0.23 20.38 10.65
CA TRP A 138 -0.28 20.88 12.01
C TRP A 138 -0.53 19.76 13.02
N GLY A 139 -0.05 19.95 14.24
CA GLY A 139 -0.16 18.91 15.25
C GLY A 139 0.55 19.37 16.50
N GLU A 140 1.33 18.48 17.11
CA GLU A 140 2.12 18.84 18.29
C GLU A 140 2.99 20.06 18.00
N VAL A 141 3.53 20.11 16.78
CA VAL A 141 4.23 21.29 16.30
C VAL A 141 3.75 21.60 14.87
N PRO A 142 2.94 22.66 14.72
CA PRO A 142 2.39 23.12 13.44
C PRO A 142 3.44 23.82 12.59
N LYS A 143 3.22 23.85 11.27
CA LYS A 143 4.13 24.53 10.35
C LYS A 143 3.60 24.58 8.92
N ILE A 144 3.94 25.62 8.19
CA ILE A 144 3.76 25.61 6.74
C ILE A 144 5.05 25.20 6.04
N GLU A 145 4.92 24.34 5.03
CA GLU A 145 6.08 23.80 4.33
C GLU A 145 6.09 24.09 2.84
N ARG A 146 7.30 24.23 2.30
CA ARG A 146 7.50 24.27 0.85
C ARG A 146 8.38 23.11 0.40
N ALA A 147 8.09 22.58 -0.79
CA ALA A 147 9.03 21.73 -1.49
C ALA A 147 8.74 21.75 -2.99
N GLY A 148 9.63 21.14 -3.75
CA GLY A 148 9.40 21.04 -5.18
C GLY A 148 8.26 20.06 -5.39
N MET A 149 7.53 20.21 -6.48
CA MET A 149 6.44 19.30 -6.73
C MET A 149 6.97 17.95 -7.16
N ASP A 150 8.27 17.74 -6.98
CA ASP A 150 8.95 16.54 -7.44
C ASP A 150 9.43 15.71 -6.27
N GLY A 151 9.29 16.24 -5.06
CA GLY A 151 9.78 15.57 -3.88
C GLY A 151 11.10 16.09 -3.34
N SER A 152 11.51 17.28 -3.76
CA SER A 152 12.85 17.76 -3.45
C SER A 152 12.83 19.02 -2.60
N SER A 153 13.86 19.20 -1.78
CA SER A 153 14.10 20.48 -1.15
C SER A 153 12.93 20.82 -0.23
N ARG A 154 12.54 19.85 0.59
CA ARG A 154 11.49 20.09 1.57
C ARG A 154 11.95 21.15 2.57
N PHE A 155 11.45 22.37 2.42
CA PHE A 155 11.78 23.48 3.31
C PHE A 155 10.62 23.87 4.23
N ILE A 156 10.91 24.02 5.53
CA ILE A 156 9.98 24.65 6.47
C ILE A 156 10.15 26.15 6.45
N ILE A 157 9.15 26.86 5.93
CA ILE A 157 9.22 28.33 5.81
C ILE A 157 8.63 29.07 7.01
N ILE A 158 7.33 28.90 7.24
CA ILE A 158 6.68 29.49 8.39
C ILE A 158 6.45 28.46 9.48
N ASN A 159 7.00 28.71 10.67
CA ASN A 159 6.89 27.77 11.77
C ASN A 159 6.65 28.45 13.11
N SER A 160 6.15 29.68 13.06
CA SER A 160 5.82 30.42 14.28
C SER A 160 4.56 31.28 14.08
N GLU A 161 3.93 31.71 15.17
CA GLU A 161 2.72 32.53 15.09
C GLU A 161 1.59 31.76 14.41
N ILE A 162 1.69 30.44 14.44
CA ILE A 162 0.71 29.58 13.79
C ILE A 162 0.12 28.58 14.77
N TYR A 163 -1.18 28.33 14.62
CA TYR A 163 -1.85 27.28 15.38
C TYR A 163 -3.00 26.82 14.48
N TRP A 164 -3.03 25.55 14.14
CA TRP A 164 -4.00 25.11 13.13
C TRP A 164 -3.89 25.98 11.88
N PRO A 165 -2.68 26.10 11.29
CA PRO A 165 -2.49 27.00 10.14
C PRO A 165 -3.43 26.65 8.99
N ASN A 166 -4.15 27.64 8.49
CA ASN A 166 -5.31 27.38 7.64
C ASN A 166 -5.07 27.59 6.15
N GLY A 167 -6.17 27.64 5.40
CA GLY A 167 -6.09 27.57 3.95
C GLY A 167 -4.90 28.26 3.31
N LEU A 168 -4.32 27.63 2.28
CA LEU A 168 -3.22 28.19 1.52
C LEU A 168 -3.71 28.67 0.17
N THR A 169 -3.20 29.82 -0.27
CA THR A 169 -3.54 30.35 -1.58
C THR A 169 -2.59 31.48 -1.96
N LEU A 170 -2.17 31.49 -3.21
CA LEU A 170 -1.03 32.33 -3.61
C LEU A 170 -1.37 33.38 -4.67
N ASP A 171 -0.77 34.56 -4.52
CA ASP A 171 -0.94 35.65 -5.49
C ASP A 171 0.17 35.64 -6.55
N TYR A 172 -0.16 35.09 -7.71
CA TYR A 172 0.84 34.88 -8.77
C TYR A 172 1.30 36.22 -9.30
N GLU A 173 0.43 37.23 -9.18
CA GLU A 173 0.75 38.57 -9.63
C GLU A 173 1.83 39.18 -8.74
N GLU A 174 1.80 38.83 -7.46
CA GLU A 174 2.66 39.48 -6.50
C GLU A 174 3.78 38.58 -6.01
N GLN A 175 3.77 37.32 -6.45
CA GLN A 175 4.75 36.36 -5.96
C GLN A 175 4.73 36.29 -4.42
N LYS A 176 3.54 36.42 -3.85
CA LYS A 176 3.35 36.25 -2.41
C LYS A 176 2.30 35.19 -2.16
N LEU A 177 2.41 34.52 -1.01
CA LEU A 177 1.47 33.48 -0.63
C LEU A 177 0.72 33.89 0.62
N TYR A 178 -0.59 33.71 0.62
CA TYR A 178 -1.39 33.99 1.82
C TYR A 178 -1.74 32.72 2.58
N TRP A 179 -1.93 32.85 3.89
CA TRP A 179 -2.48 31.75 4.68
C TRP A 179 -3.28 32.24 5.87
N ALA A 180 -4.25 31.45 6.29
CA ALA A 180 -5.10 31.82 7.41
C ALA A 180 -4.76 30.98 8.64
N ASP A 181 -5.75 30.80 9.51
CA ASP A 181 -5.54 30.06 10.75
C ASP A 181 -6.88 29.85 11.49
N ALA A 182 -7.17 28.58 11.78
CA ALA A 182 -8.49 28.18 12.24
C ALA A 182 -8.63 28.39 13.75
N LYS A 183 -7.54 28.84 14.38
CA LYS A 183 -7.50 29.04 15.83
C LYS A 183 -7.15 30.48 16.20
N LEU A 184 -5.94 30.91 15.84
CA LEU A 184 -5.49 32.26 16.16
C LEU A 184 -6.21 33.35 15.37
N ASN A 185 -7.10 32.93 14.47
CA ASN A 185 -8.02 33.85 13.80
C ASN A 185 -7.36 35.08 13.21
N PHE A 186 -6.39 34.86 12.31
CA PHE A 186 -5.84 35.92 11.49
C PHE A 186 -5.78 35.51 10.02
N ILE A 187 -5.43 36.47 9.18
CA ILE A 187 -4.91 36.16 7.84
C ILE A 187 -3.53 36.80 7.76
N HIS A 188 -2.59 36.08 7.18
CA HIS A 188 -1.27 36.64 6.96
C HIS A 188 -0.87 36.61 5.48
N LYS A 189 0.44 36.70 5.23
CA LYS A 189 0.97 37.00 3.91
C LYS A 189 2.50 37.08 3.94
N SER A 190 3.15 36.42 2.98
CA SER A 190 4.61 36.43 2.91
C SER A 190 5.10 36.38 1.48
N ASN A 191 6.42 36.48 1.32
CA ASN A 191 7.05 36.11 0.06
C ASN A 191 7.19 34.58 0.00
N LEU A 192 7.46 34.07 -1.20
CA LEU A 192 7.43 32.63 -1.43
C LEU A 192 8.54 31.91 -0.66
N ASP A 193 9.40 32.67 -0.02
CA ASP A 193 10.30 32.11 0.98
C ASP A 193 9.52 32.16 2.29
N GLY A 194 10.23 32.04 3.41
CA GLY A 194 9.58 32.22 4.69
C GLY A 194 9.46 33.70 5.03
N THR A 195 9.77 34.55 4.06
CA THR A 195 10.17 35.93 4.29
C THR A 195 9.04 36.94 4.31
N ASN A 196 9.22 37.99 5.11
CA ASN A 196 8.35 39.16 5.08
C ASN A 196 6.96 38.84 5.57
N ARG A 197 6.88 38.23 6.75
CA ARG A 197 5.61 37.79 7.29
C ARG A 197 4.72 38.96 7.73
N GLN A 198 3.84 39.40 6.83
CA GLN A 198 2.98 40.57 7.09
C GLN A 198 1.55 40.16 7.44
N ALA A 199 0.88 40.95 8.28
CA ALA A 199 -0.53 40.73 8.58
C ALA A 199 -1.43 41.40 7.54
N VAL A 200 -2.41 40.67 7.01
CA VAL A 200 -3.41 41.27 6.14
C VAL A 200 -4.71 41.49 6.88
N VAL A 201 -5.13 40.49 7.63
CA VAL A 201 -6.26 40.65 8.55
C VAL A 201 -5.90 40.08 9.93
N LYS A 202 -4.92 40.69 10.59
CA LYS A 202 -4.64 40.39 11.99
C LYS A 202 -5.83 40.82 12.82
N GLY A 203 -5.92 40.28 14.02
CA GLY A 203 -7.04 40.60 14.88
C GLY A 203 -8.00 39.45 14.77
N SER A 204 -8.75 39.20 15.84
CA SER A 204 -9.36 37.90 16.04
C SER A 204 -10.68 37.70 15.28
N LEU A 205 -10.95 38.56 14.30
CA LEU A 205 -12.23 38.56 13.62
C LEU A 205 -12.44 37.40 12.65
N PRO A 206 -11.47 37.15 11.74
CA PRO A 206 -11.61 36.03 10.82
C PRO A 206 -11.51 34.67 11.51
N HIS A 207 -12.45 33.78 11.22
CA HIS A 207 -12.36 32.37 11.63
C HIS A 207 -12.50 31.49 10.38
N PRO A 208 -11.58 31.65 9.41
CA PRO A 208 -11.64 31.03 8.08
C PRO A 208 -11.38 29.54 8.06
N PHE A 209 -12.12 28.84 7.21
CA PHE A 209 -11.88 27.43 6.97
C PHE A 209 -11.08 27.26 5.70
N ALA A 210 -11.39 28.04 4.68
CA ALA A 210 -10.72 27.87 3.41
C ALA A 210 -10.56 29.22 2.72
N LEU A 211 -9.35 29.51 2.26
CA LEU A 211 -9.08 30.79 1.62
C LEU A 211 -8.93 30.63 0.12
N THR A 212 -9.29 31.69 -0.61
CA THR A 212 -9.08 31.76 -2.05
C THR A 212 -8.81 33.23 -2.35
N LEU A 213 -8.85 33.62 -3.62
CA LEU A 213 -8.74 35.02 -3.96
C LEU A 213 -9.00 35.27 -5.44
N PHE A 214 -9.32 36.51 -5.79
CA PHE A 214 -9.50 36.90 -7.17
C PHE A 214 -9.53 38.42 -7.29
N GLU A 215 -8.43 38.98 -7.78
CA GLU A 215 -8.30 40.42 -7.98
C GLU A 215 -8.51 41.20 -6.69
N ASP A 216 -7.49 41.19 -5.82
CA ASP A 216 -7.45 42.07 -4.65
C ASP A 216 -8.39 41.63 -3.53
N ILE A 217 -9.22 40.62 -3.81
CA ILE A 217 -10.27 40.19 -2.89
C ILE A 217 -9.96 38.81 -2.34
N LEU A 218 -9.73 38.75 -1.03
CA LEU A 218 -9.66 37.48 -0.31
C LEU A 218 -11.05 36.99 0.05
N TYR A 219 -11.43 35.84 -0.48
CA TYR A 219 -12.65 35.18 -0.02
C TYR A 219 -12.31 34.02 0.93
N TRP A 220 -13.28 33.63 1.76
CA TRP A 220 -13.09 32.47 2.63
C TRP A 220 -14.39 32.03 3.26
N THR A 221 -14.35 30.85 3.88
CA THR A 221 -15.49 30.29 4.58
C THR A 221 -15.30 30.35 6.09
N ASP A 222 -16.40 30.59 6.79
CA ASP A 222 -16.48 30.38 8.23
C ASP A 222 -17.66 29.44 8.43
N TRP A 223 -17.36 28.17 8.57
CA TRP A 223 -18.39 27.15 8.74
C TRP A 223 -19.35 27.56 9.86
N SER A 224 -18.79 28.11 10.93
CA SER A 224 -19.57 28.44 12.11
C SER A 224 -20.73 29.33 11.69
N THR A 225 -20.40 30.47 11.11
CA THR A 225 -21.39 31.45 10.65
C THR A 225 -22.10 30.95 9.40
N HIS A 226 -21.65 29.81 8.87
CA HIS A 226 -22.23 29.25 7.66
C HIS A 226 -22.19 30.24 6.50
N SER A 227 -21.16 31.08 6.49
CA SER A 227 -21.09 32.21 5.58
C SER A 227 -19.85 32.14 4.70
N ILE A 228 -19.82 33.01 3.69
CA ILE A 228 -18.59 33.33 2.97
C ILE A 228 -18.28 34.81 3.18
N LEU A 229 -17.00 35.12 3.36
CA LEU A 229 -16.55 36.49 3.62
C LEU A 229 -15.52 36.94 2.58
N ALA A 230 -15.05 38.17 2.73
CA ALA A 230 -14.17 38.77 1.75
C ALA A 230 -13.69 40.13 2.25
N CYS A 231 -12.49 40.53 1.84
CA CYS A 231 -11.93 41.83 2.21
C CYS A 231 -10.75 42.24 1.32
N ASN A 232 -10.18 43.42 1.57
CA ASN A 232 -9.04 43.88 0.79
C ASN A 232 -7.97 42.81 0.80
N LYS A 233 -7.13 42.83 -0.23
CA LYS A 233 -6.02 41.89 -0.30
C LYS A 233 -4.90 42.44 0.54
N TYR A 234 -4.94 43.75 0.80
CA TYR A 234 -3.81 44.47 1.37
C TYR A 234 -4.00 44.82 2.83
N THR A 235 -5.24 45.10 3.22
CA THR A 235 -5.59 45.28 4.62
C THR A 235 -6.90 44.54 4.93
N GLY A 236 -7.31 44.56 6.19
CA GLY A 236 -8.55 43.90 6.55
C GLY A 236 -9.76 44.60 5.96
N GLU A 237 -9.58 45.83 5.49
CA GLU A 237 -10.71 46.66 5.11
C GLU A 237 -11.62 45.98 4.10
N GLY A 238 -12.89 46.40 4.10
CA GLY A 238 -13.84 45.96 3.09
C GLY A 238 -14.67 44.77 3.53
N LEU A 239 -14.52 44.36 4.78
CA LEU A 239 -14.98 43.05 5.24
C LEU A 239 -16.50 42.82 5.25
N ARG A 240 -17.07 42.73 4.06
CA ARG A 240 -18.48 42.33 3.90
C ARG A 240 -18.53 40.83 3.64
N GLU A 241 -19.69 40.21 3.87
CA GLU A 241 -19.82 38.79 3.61
C GLU A 241 -20.73 38.54 2.42
N ILE A 242 -20.18 37.86 1.42
CA ILE A 242 -20.94 37.51 0.22
C ILE A 242 -22.15 36.69 0.64
N HIS A 243 -23.23 36.81 -0.13
CA HIS A 243 -24.46 36.09 0.18
C HIS A 243 -24.17 34.62 0.47
N SER A 244 -24.55 34.20 1.68
CA SER A 244 -24.13 32.92 2.23
C SER A 244 -24.94 32.51 3.46
N ASP A 245 -25.78 31.50 3.29
CA ASP A 245 -26.49 30.86 4.39
C ASP A 245 -26.31 29.35 4.22
N ILE A 246 -25.06 28.95 4.05
CA ILE A 246 -24.75 27.70 3.36
C ILE A 246 -24.44 26.55 4.31
N PHE A 247 -25.08 25.41 4.07
CA PHE A 247 -25.03 24.28 4.97
C PHE A 247 -23.66 23.61 5.07
N SER A 248 -22.79 24.17 5.90
CA SER A 248 -21.46 23.59 6.09
C SER A 248 -20.54 23.70 4.87
N PRO A 249 -20.16 24.93 4.48
CA PRO A 249 -19.14 25.13 3.45
C PRO A 249 -17.75 24.72 3.94
N MET A 250 -17.07 23.88 3.18
CA MET A 250 -15.73 23.43 3.53
C MET A 250 -14.70 24.12 2.63
N ASP A 251 -14.04 23.31 1.78
CA ASP A 251 -13.07 23.80 0.80
C ASP A 251 -13.73 24.74 -0.23
N ILE A 252 -12.96 25.67 -0.77
CA ILE A 252 -13.48 26.66 -1.72
C ILE A 252 -12.34 27.25 -2.55
N HIS A 253 -12.60 27.44 -3.84
CA HIS A 253 -11.65 28.08 -4.74
C HIS A 253 -12.36 29.06 -5.65
N ALA A 254 -11.61 30.07 -6.10
CA ALA A 254 -12.07 30.92 -7.18
C ALA A 254 -12.03 30.14 -8.51
N PHE A 255 -13.22 29.86 -9.06
CA PHE A 255 -13.37 29.04 -10.26
C PHE A 255 -13.16 29.84 -11.55
N SER A 256 -11.93 30.24 -11.79
CA SER A 256 -11.64 31.17 -12.89
C SER A 256 -10.35 30.81 -13.61
N GLN A 257 -10.43 30.72 -14.93
CA GLN A 257 -9.28 30.36 -15.75
C GLN A 257 -8.07 31.24 -15.45
N GLN A 258 -8.30 32.36 -14.77
CA GLN A 258 -7.23 33.28 -14.44
C GLN A 258 -6.46 32.83 -13.20
N ARG A 259 -7.06 31.93 -12.42
CA ARG A 259 -6.42 31.44 -11.21
C ARG A 259 -5.47 30.28 -11.54
N GLN A 260 -5.44 29.92 -12.82
CA GLN A 260 -4.45 28.97 -13.32
C GLN A 260 -3.81 29.52 -14.58
N PRO A 261 -2.79 30.37 -14.41
CA PRO A 261 -2.04 30.95 -15.53
C PRO A 261 -1.23 29.89 -16.26
N ASN A 262 -1.49 29.70 -17.56
CA ASN A 262 -0.79 28.69 -18.34
C ASN A 262 0.58 29.16 -18.84
N ALA A 263 1.42 28.22 -19.25
CA ALA A 263 2.79 28.53 -19.63
C ALA A 263 3.50 27.32 -20.21
N THR A 264 4.81 27.46 -20.42
CA THR A 264 5.60 26.44 -21.06
C THR A 264 5.74 25.23 -20.10
N ASN A 265 5.54 24.03 -20.65
CA ASN A 265 5.66 22.79 -19.88
C ASN A 265 7.10 22.30 -19.89
N PRO A 266 7.71 22.09 -18.71
CA PRO A 266 9.13 21.74 -18.60
C PRO A 266 9.52 20.52 -19.44
N CYS A 267 8.60 19.58 -19.60
CA CYS A 267 8.69 18.57 -20.64
C CYS A 267 7.72 19.00 -21.75
N GLY A 268 8.07 18.71 -23.00
CA GLY A 268 7.16 19.03 -24.07
C GLY A 268 5.99 18.07 -24.12
N ILE A 269 5.25 18.09 -25.23
CA ILE A 269 4.42 16.95 -25.58
C ILE A 269 5.41 15.88 -26.06
N ASP A 270 6.63 16.34 -26.36
CA ASP A 270 7.73 15.45 -26.67
C ASP A 270 8.18 14.80 -25.37
N ASN A 271 8.86 13.66 -25.48
CA ASN A 271 9.35 12.92 -24.32
C ASN A 271 8.21 12.40 -23.46
N GLY A 272 7.16 13.20 -23.32
CA GLY A 272 6.15 12.90 -22.32
C GLY A 272 6.86 12.95 -20.98
N GLY A 273 7.93 13.73 -20.96
CA GLY A 273 8.68 13.89 -19.73
C GLY A 273 9.65 12.76 -19.48
N CYS A 274 9.15 11.58 -19.14
CA CYS A 274 10.03 10.43 -18.93
C CYS A 274 9.44 9.10 -19.44
N SER A 275 9.27 8.11 -18.57
CA SER A 275 8.63 6.84 -18.94
C SER A 275 7.32 6.65 -18.19
N HIS A 276 7.28 7.10 -16.95
CA HIS A 276 6.07 7.04 -16.14
C HIS A 276 5.62 8.42 -15.69
N LEU A 277 6.46 9.10 -14.90
CA LEU A 277 6.08 10.39 -14.35
C LEU A 277 7.07 11.52 -14.62
N CYS A 278 6.58 12.59 -15.26
CA CYS A 278 7.30 13.86 -15.36
C CYS A 278 6.67 14.89 -14.42
N LEU A 279 7.35 15.15 -13.31
CA LEU A 279 6.88 16.12 -12.34
C LEU A 279 7.69 17.41 -12.46
N MET A 280 7.02 18.54 -12.24
CA MET A 280 7.67 19.84 -12.31
C MET A 280 8.78 19.93 -11.24
N SER A 281 9.67 20.90 -11.39
CA SER A 281 10.83 21.01 -10.49
C SER A 281 11.57 22.35 -10.61
N PRO A 282 12.12 22.84 -9.48
CA PRO A 282 13.06 23.97 -9.41
C PRO A 282 14.43 23.63 -10.00
N VAL A 283 14.80 22.36 -9.94
CA VAL A 283 16.05 21.84 -10.51
C VAL A 283 16.18 22.28 -11.97
N LYS A 284 17.42 22.41 -12.44
CA LYS A 284 17.72 23.09 -13.70
C LYS A 284 16.80 22.70 -14.85
N PRO A 285 16.67 21.40 -15.14
CA PRO A 285 15.86 21.04 -16.29
C PRO A 285 14.42 21.52 -16.15
N PHE A 286 14.01 21.75 -14.90
CA PHE A 286 12.67 22.21 -14.54
C PHE A 286 11.60 21.14 -14.62
N TYR A 287 12.01 19.91 -14.94
CA TYR A 287 11.16 18.74 -14.78
C TYR A 287 12.00 17.62 -14.18
N GLN A 288 11.33 16.63 -13.62
CA GLN A 288 12.01 15.56 -12.88
C GLN A 288 11.32 14.23 -13.13
N CYS A 289 12.04 13.15 -12.87
CA CYS A 289 11.60 11.81 -13.29
C CYS A 289 11.14 10.95 -12.11
N ALA A 290 10.00 10.29 -12.28
CA ALA A 290 9.40 9.53 -11.18
C ALA A 290 8.79 8.21 -11.60
N CYS A 291 8.84 7.25 -10.68
CA CYS A 291 8.14 5.98 -10.83
C CYS A 291 7.03 5.87 -9.76
N PRO A 292 6.04 5.01 -9.99
CA PRO A 292 5.00 4.78 -8.99
C PRO A 292 5.61 4.30 -7.68
N THR A 293 4.75 4.09 -6.69
CA THR A 293 5.22 3.76 -5.36
C THR A 293 5.89 2.40 -5.30
N GLY A 294 7.06 2.36 -4.67
CA GLY A 294 7.74 1.10 -4.45
C GLY A 294 8.54 0.67 -5.67
N VAL A 295 8.66 1.57 -6.64
CA VAL A 295 9.38 1.27 -7.86
C VAL A 295 10.58 2.17 -8.05
N LYS A 296 11.74 1.56 -8.30
CA LYS A 296 13.01 2.29 -8.32
C LYS A 296 13.35 2.79 -9.71
N LEU A 297 14.17 3.83 -9.77
CA LEU A 297 14.47 4.48 -11.05
C LEU A 297 15.92 4.18 -11.45
N LEU A 298 16.10 3.78 -12.71
CA LEU A 298 17.41 3.38 -13.23
C LEU A 298 18.46 4.48 -13.07
N GLU A 299 19.73 4.10 -13.22
CA GLU A 299 20.84 5.05 -13.03
C GLU A 299 20.83 6.16 -14.08
N ASN A 300 20.23 5.89 -15.23
CA ASN A 300 20.10 6.92 -16.26
C ASN A 300 19.06 7.96 -15.89
N GLY A 301 18.14 7.60 -14.99
CA GLY A 301 16.98 8.45 -14.73
C GLY A 301 16.00 8.38 -15.90
N LYS A 302 14.82 8.95 -15.74
CA LYS A 302 13.86 9.03 -16.85
C LYS A 302 13.21 7.69 -17.21
N THR A 303 13.85 6.57 -16.87
CA THR A 303 13.27 5.24 -17.11
C THR A 303 13.08 4.46 -15.81
N CYS A 304 11.83 4.07 -15.53
CA CYS A 304 11.49 3.33 -14.32
C CYS A 304 11.69 1.85 -14.56
N LYS A 305 12.18 1.13 -13.57
CA LYS A 305 12.27 -0.33 -13.66
C LYS A 305 10.88 -0.95 -13.80
N ASP A 306 10.83 -2.25 -13.96
CA ASP A 306 9.54 -2.89 -13.97
C ASP A 306 9.18 -3.37 -12.57
N GLY A 307 8.17 -2.74 -11.98
CA GLY A 307 7.68 -3.19 -10.68
C GLY A 307 8.75 -3.27 -9.63
N ALA A 308 8.41 -3.87 -8.49
CA ALA A 308 9.41 -4.00 -7.44
C ALA A 308 10.18 -5.29 -7.62
N THR A 309 11.34 -5.38 -7.00
CA THR A 309 12.17 -6.54 -7.18
C THR A 309 11.89 -7.57 -6.09
N GLU A 310 12.11 -7.18 -4.85
CA GLU A 310 11.57 -7.92 -3.72
C GLU A 310 10.20 -7.35 -3.41
N LEU A 311 9.49 -7.98 -2.47
CA LEU A 311 8.12 -7.61 -2.22
C LEU A 311 7.65 -8.38 -0.98
N LEU A 312 7.01 -7.67 -0.06
CA LEU A 312 6.53 -8.30 1.18
C LEU A 312 5.02 -8.41 1.20
N LEU A 313 4.53 -9.64 1.16
CA LEU A 313 3.13 -9.92 0.96
C LEU A 313 2.47 -10.15 2.32
N LEU A 314 1.37 -9.46 2.57
CA LEU A 314 0.72 -9.52 3.87
C LEU A 314 -0.53 -10.35 3.73
N ALA A 315 -0.91 -11.04 4.79
CA ALA A 315 -2.26 -11.58 4.88
C ALA A 315 -2.97 -11.02 6.12
N ARG A 316 -3.92 -10.10 5.95
CA ARG A 316 -4.80 -9.76 7.07
C ARG A 316 -6.04 -10.68 7.09
N ARG A 317 -6.89 -10.58 8.11
CA ARG A 317 -8.10 -11.43 8.22
C ARG A 317 -8.90 -11.40 6.93
N THR A 318 -9.10 -10.21 6.36
CA THR A 318 -10.11 -10.02 5.31
C THR A 318 -9.55 -9.35 4.06
N ASP A 319 -8.23 -9.18 4.00
CA ASP A 319 -7.59 -8.73 2.76
C ASP A 319 -6.12 -9.19 2.65
N LEU A 320 -5.57 -9.12 1.45
CA LEU A 320 -4.16 -9.36 1.24
C LEU A 320 -3.58 -8.02 0.89
N ARG A 321 -2.29 -7.85 1.11
CA ARG A 321 -1.66 -6.58 0.79
C ARG A 321 -0.23 -6.90 0.43
N ARG A 322 0.38 -6.04 -0.37
CA ARG A 322 1.81 -6.11 -0.63
C ARG A 322 2.49 -4.80 -0.25
N ILE A 323 3.56 -4.89 0.54
CA ILE A 323 4.54 -3.81 0.65
C ILE A 323 5.77 -4.13 -0.21
N SER A 324 6.21 -3.16 -1.00
CA SER A 324 7.46 -3.30 -1.72
C SER A 324 8.68 -3.22 -0.82
N LEU A 325 9.77 -3.85 -1.25
CA LEU A 325 11.02 -3.82 -0.51
C LEU A 325 12.13 -3.09 -1.29
N ASP A 326 11.76 -2.44 -2.39
CA ASP A 326 12.71 -1.70 -3.23
C ASP A 326 12.94 -0.26 -2.80
N THR A 327 12.06 0.26 -1.94
CA THR A 327 12.08 1.68 -1.60
C THR A 327 11.98 1.88 -0.09
N PRO A 328 12.42 3.05 0.40
CA PRO A 328 12.44 3.41 1.83
C PRO A 328 11.06 3.61 2.45
N ASP A 329 10.09 4.00 1.63
CA ASP A 329 8.76 4.41 2.13
C ASP A 329 7.99 3.31 2.84
N PHE A 330 8.18 2.07 2.43
CA PHE A 330 7.60 0.95 3.13
C PHE A 330 6.11 1.04 3.30
N THR A 331 5.70 1.82 4.29
CA THR A 331 4.38 1.67 4.91
C THR A 331 3.30 1.80 3.84
N ASP A 332 3.74 1.99 2.59
CA ASP A 332 2.84 1.86 1.47
C ASP A 332 2.52 0.39 1.32
N ILE A 333 1.56 -0.06 2.11
CA ILE A 333 0.82 -1.26 1.82
C ILE A 333 -0.05 -0.91 0.61
N VAL A 334 -0.48 -1.91 -0.15
CA VAL A 334 -1.56 -1.72 -1.10
C VAL A 334 -2.20 -3.09 -1.16
N LEU A 335 -3.51 -3.16 -1.34
CA LEU A 335 -4.18 -4.46 -1.23
C LEU A 335 -5.00 -4.82 -2.46
N GLN A 336 -5.91 -5.79 -2.31
CA GLN A 336 -6.87 -6.21 -3.34
C GLN A 336 -7.82 -7.36 -2.87
N LEU A 337 -8.74 -7.81 -3.76
CA LEU A 337 -9.51 -9.08 -3.65
C LEU A 337 -10.92 -8.99 -3.03
N GLU A 338 -11.71 -10.06 -3.20
CA GLU A 338 -13.07 -10.13 -2.62
C GLU A 338 -13.39 -11.46 -1.92
N ASP A 339 -14.34 -11.42 -1.00
CA ASP A 339 -14.72 -12.62 -0.28
C ASP A 339 -13.61 -13.33 0.48
N ILE A 340 -12.67 -12.55 1.02
CA ILE A 340 -11.65 -13.11 1.89
C ILE A 340 -12.17 -13.06 3.34
N ARG A 341 -12.37 -14.23 3.94
CA ARG A 341 -13.01 -14.27 5.24
C ARG A 341 -11.98 -14.23 6.35
N HIS A 342 -11.18 -15.27 6.44
CA HIS A 342 -10.18 -15.37 7.50
C HIS A 342 -8.95 -15.96 6.83
N ALA A 343 -8.06 -15.09 6.35
CA ALA A 343 -6.81 -15.55 5.74
C ALA A 343 -5.83 -15.99 6.83
N ILE A 344 -5.06 -17.02 6.51
CA ILE A 344 -4.08 -17.57 7.45
C ILE A 344 -2.65 -17.51 6.91
N ALA A 345 -2.36 -18.34 5.89
CA ALA A 345 -0.99 -18.51 5.43
C ALA A 345 -0.86 -17.98 4.01
N ILE A 346 0.32 -17.52 3.65
CA ILE A 346 0.51 -16.98 2.31
C ILE A 346 1.85 -17.41 1.69
N ASP A 347 1.87 -17.57 0.38
CA ASP A 347 3.10 -17.84 -0.34
C ASP A 347 2.98 -17.41 -1.80
N TYR A 348 4.08 -17.49 -2.54
CA TYR A 348 4.10 -16.91 -3.87
C TYR A 348 4.99 -17.65 -4.85
N ASP A 349 4.59 -17.61 -6.12
CA ASP A 349 5.35 -18.26 -7.17
C ASP A 349 5.82 -17.25 -8.21
N PRO A 350 7.12 -16.88 -8.14
CA PRO A 350 7.68 -15.80 -8.97
C PRO A 350 7.57 -16.09 -10.48
N VAL A 351 7.47 -17.37 -10.84
CA VAL A 351 7.47 -17.75 -12.26
C VAL A 351 6.20 -17.32 -12.93
N GLU A 352 5.06 -17.63 -12.32
CA GLU A 352 3.78 -17.24 -12.88
C GLU A 352 3.14 -16.04 -12.17
N GLY A 353 3.76 -15.59 -11.09
CA GLY A 353 3.25 -14.44 -10.39
C GLY A 353 1.91 -14.66 -9.69
N TYR A 354 1.64 -15.90 -9.31
CA TYR A 354 0.47 -16.20 -8.48
C TYR A 354 0.74 -16.16 -6.99
N ILE A 355 -0.07 -15.40 -6.28
CA ILE A 355 -0.07 -15.45 -4.82
C ILE A 355 -0.95 -16.61 -4.41
N TYR A 356 -0.49 -17.42 -3.46
CA TYR A 356 -1.33 -18.49 -2.92
C TYR A 356 -1.63 -18.23 -1.47
N TRP A 357 -2.84 -18.52 -1.02
CA TRP A 357 -3.18 -18.26 0.37
C TRP A 357 -4.30 -19.15 0.87
N THR A 358 -4.36 -19.28 2.20
CA THR A 358 -5.30 -20.18 2.85
C THR A 358 -6.30 -19.35 3.64
N ASP A 359 -7.50 -19.88 3.79
CA ASP A 359 -8.56 -19.17 4.48
C ASP A 359 -9.26 -20.29 5.20
N ASP A 360 -9.43 -20.16 6.50
CA ASP A 360 -9.83 -21.31 7.32
C ASP A 360 -11.23 -21.20 7.93
N GLU A 361 -11.99 -20.19 7.49
CA GLU A 361 -13.44 -20.25 7.61
C GLU A 361 -14.04 -20.75 6.33
N VAL A 362 -13.62 -20.15 5.23
CA VAL A 362 -14.00 -20.64 3.91
C VAL A 362 -13.51 -22.07 3.75
N ARG A 363 -12.38 -22.39 4.38
CA ARG A 363 -11.75 -23.70 4.27
C ARG A 363 -11.27 -24.00 2.89
N ALA A 364 -10.60 -23.04 2.25
CA ALA A 364 -10.18 -23.23 0.88
C ALA A 364 -8.79 -22.65 0.59
N ILE A 365 -8.14 -23.09 -0.49
CA ILE A 365 -6.98 -22.38 -0.99
C ILE A 365 -7.26 -21.71 -2.33
N ARG A 366 -6.68 -20.52 -2.52
CA ARG A 366 -6.95 -19.66 -3.67
C ARG A 366 -5.68 -19.00 -4.16
N ARG A 367 -5.71 -18.51 -5.39
CA ARG A 367 -4.57 -17.81 -5.96
C ARG A 367 -5.00 -16.61 -6.79
N SER A 368 -4.10 -15.64 -6.95
CA SER A 368 -4.44 -14.39 -7.62
C SER A 368 -3.22 -13.80 -8.26
N PHE A 369 -3.44 -12.78 -9.08
CA PHE A 369 -2.35 -12.03 -9.68
C PHE A 369 -2.12 -10.76 -8.88
N ILE A 370 -2.00 -10.83 -7.57
CA ILE A 370 -1.83 -9.56 -6.85
C ILE A 370 -2.97 -8.56 -7.18
N ASP A 371 -2.57 -7.36 -7.59
CA ASP A 371 -3.55 -6.44 -8.14
C ASP A 371 -3.83 -6.96 -9.56
N GLY A 372 -4.47 -8.13 -9.59
CA GLY A 372 -4.85 -8.79 -10.82
C GLY A 372 -6.10 -9.64 -10.59
N SER A 373 -6.87 -9.80 -11.66
CA SER A 373 -8.08 -10.63 -11.63
C SER A 373 -7.60 -12.08 -11.60
N GLY A 374 -6.47 -12.30 -10.94
CA GLY A 374 -5.91 -13.63 -10.94
C GLY A 374 -6.94 -14.65 -10.49
N SER A 375 -7.87 -14.20 -9.65
CA SER A 375 -8.47 -15.04 -8.64
C SER A 375 -9.19 -16.29 -9.12
N GLN A 376 -8.53 -17.42 -8.92
CA GLN A 376 -9.21 -18.71 -8.99
C GLN A 376 -9.07 -19.47 -7.67
N PHE A 377 -9.96 -20.44 -7.48
CA PHE A 377 -9.84 -21.38 -6.41
C PHE A 377 -8.84 -22.46 -6.80
N VAL A 378 -8.46 -23.29 -5.83
CA VAL A 378 -7.37 -24.23 -5.99
C VAL A 378 -7.71 -25.53 -5.27
N VAL A 379 -7.99 -25.42 -3.98
CA VAL A 379 -8.54 -26.54 -3.23
C VAL A 379 -9.79 -26.02 -2.56
N THR A 380 -10.82 -26.85 -2.42
CA THR A 380 -11.98 -26.50 -1.61
C THR A 380 -12.52 -27.69 -0.83
N ALA A 381 -12.01 -28.88 -1.12
CA ALA A 381 -12.51 -30.11 -0.48
C ALA A 381 -11.55 -30.78 0.52
N GLN A 382 -12.14 -31.35 1.57
CA GLN A 382 -11.41 -32.01 2.66
C GLN A 382 -10.32 -31.08 3.21
N ILE A 383 -10.73 -29.93 3.75
CA ILE A 383 -9.81 -29.01 4.40
C ILE A 383 -10.31 -28.63 5.78
N ALA A 384 -9.40 -28.44 6.73
CA ALA A 384 -9.78 -27.92 8.03
C ALA A 384 -9.07 -26.60 8.26
N HIS A 385 -7.93 -26.63 8.95
CA HIS A 385 -7.23 -25.39 9.24
C HIS A 385 -5.89 -25.34 8.52
N PRO A 386 -5.88 -24.82 7.28
CA PRO A 386 -4.65 -24.73 6.49
C PRO A 386 -3.67 -23.73 7.08
N ASP A 387 -3.02 -24.10 8.17
CA ASP A 387 -2.24 -23.13 8.93
C ASP A 387 -0.88 -22.82 8.30
N GLY A 388 -0.66 -23.35 7.10
CA GLY A 388 0.63 -23.13 6.45
C GLY A 388 0.66 -23.66 5.05
N ILE A 389 1.27 -22.91 4.16
CA ILE A 389 1.32 -23.33 2.79
C ILE A 389 2.66 -23.00 2.19
N ALA A 390 3.12 -23.85 1.26
CA ALA A 390 4.40 -23.62 0.57
C ALA A 390 4.28 -23.93 -0.91
N VAL A 391 4.62 -22.95 -1.72
CA VAL A 391 4.87 -23.19 -3.13
C VAL A 391 6.21 -23.86 -3.40
N ASP A 392 6.16 -25.01 -4.08
CA ASP A 392 7.35 -25.55 -4.75
C ASP A 392 7.48 -25.04 -6.18
N TRP A 393 8.43 -24.14 -6.40
CA TRP A 393 8.47 -23.40 -7.66
C TRP A 393 9.24 -24.10 -8.77
N VAL A 394 9.65 -25.34 -8.52
CA VAL A 394 10.43 -26.10 -9.47
C VAL A 394 9.67 -27.30 -10.01
N ALA A 395 9.15 -28.11 -9.11
CA ALA A 395 8.32 -29.24 -9.52
C ALA A 395 6.91 -28.76 -9.87
N ARG A 396 6.62 -27.49 -9.55
CA ARG A 396 5.32 -26.88 -9.81
C ARG A 396 4.21 -27.61 -9.07
N ASN A 397 4.41 -27.84 -7.78
CA ASN A 397 3.38 -28.43 -6.90
C ASN A 397 3.10 -27.50 -5.71
N LEU A 398 1.96 -27.67 -5.06
CA LEU A 398 1.64 -26.86 -3.91
C LEU A 398 1.53 -27.71 -2.65
N TYR A 399 2.34 -27.41 -1.65
CA TYR A 399 2.24 -28.09 -0.35
C TYR A 399 1.42 -27.26 0.62
N TRP A 400 0.60 -27.91 1.43
CA TRP A 400 -0.02 -27.23 2.56
C TRP A 400 -0.25 -28.18 3.73
N THR A 401 -0.15 -27.66 4.95
CA THR A 401 -0.40 -28.46 6.14
C THR A 401 -1.85 -28.28 6.57
N ASP A 402 -2.32 -29.10 7.50
CA ASP A 402 -3.66 -28.93 8.06
C ASP A 402 -3.70 -29.31 9.54
N THR A 403 -4.22 -28.41 10.36
CA THR A 403 -4.29 -28.62 11.80
C THR A 403 -5.46 -29.51 12.22
N GLY A 404 -6.59 -29.39 11.52
CA GLY A 404 -7.77 -30.13 11.94
C GLY A 404 -7.71 -31.59 11.60
N THR A 405 -6.97 -31.93 10.55
CA THR A 405 -6.89 -33.29 10.05
C THR A 405 -5.49 -33.83 10.25
N ASP A 406 -4.61 -33.00 10.79
CA ASP A 406 -3.26 -33.43 11.08
C ASP A 406 -2.63 -34.10 9.86
N ARG A 407 -2.53 -33.39 8.74
CA ARG A 407 -1.95 -33.95 7.52
C ARG A 407 -1.06 -32.94 6.81
N ILE A 408 -0.15 -33.44 5.99
CA ILE A 408 0.48 -32.60 4.98
C ILE A 408 0.09 -33.18 3.65
N GLU A 409 -0.24 -32.32 2.69
CA GLU A 409 -0.74 -32.80 1.43
C GLU A 409 -0.08 -32.01 0.34
N VAL A 410 0.08 -32.62 -0.83
CA VAL A 410 0.62 -31.93 -2.01
C VAL A 410 -0.39 -32.00 -3.17
N THR A 411 -0.44 -30.93 -3.96
CA THR A 411 -1.15 -30.95 -5.23
C THR A 411 -0.29 -30.18 -6.20
N ARG A 412 -0.63 -30.27 -7.48
CA ARG A 412 -0.05 -29.40 -8.47
C ARG A 412 -0.61 -28.03 -8.13
N LEU A 413 0.03 -26.97 -8.60
CA LEU A 413 -0.39 -25.63 -8.19
C LEU A 413 -1.88 -25.36 -8.44
N ASN A 414 -2.43 -25.97 -9.48
CA ASN A 414 -3.83 -25.80 -9.83
C ASN A 414 -4.75 -26.69 -9.01
N GLY A 415 -4.22 -27.32 -7.98
CA GLY A 415 -5.08 -28.08 -7.06
C GLY A 415 -5.49 -29.45 -7.59
N THR A 416 -4.80 -29.88 -8.65
CA THR A 416 -5.02 -31.19 -9.25
C THR A 416 -4.11 -32.23 -8.58
N MET A 417 -4.52 -33.50 -8.56
CA MET A 417 -3.65 -34.60 -8.22
C MET A 417 -3.34 -34.61 -6.73
N ARG A 418 -4.37 -34.48 -5.92
CA ARG A 418 -4.14 -34.33 -4.49
C ARG A 418 -3.62 -35.65 -3.92
N LYS A 419 -2.67 -35.56 -3.00
CA LYS A 419 -2.04 -36.74 -2.42
C LYS A 419 -1.51 -36.49 -1.00
N ILE A 420 -1.97 -37.29 -0.04
CA ILE A 420 -1.57 -37.11 1.35
C ILE A 420 -0.18 -37.70 1.60
N LEU A 421 0.79 -36.84 1.90
CA LEU A 421 2.16 -37.28 2.18
C LEU A 421 2.38 -37.71 3.63
N ILE A 422 1.82 -36.96 4.58
CA ILE A 422 2.01 -37.23 6.01
C ILE A 422 0.74 -37.08 6.84
N SER A 423 0.48 -38.04 7.71
CA SER A 423 -0.74 -38.02 8.55
C SER A 423 -0.51 -38.62 9.94
N GLU A 424 -0.15 -37.77 10.90
CA GLU A 424 0.27 -38.22 12.22
C GLU A 424 -0.89 -38.21 13.23
N ASP A 425 -0.92 -39.21 14.10
CA ASP A 425 -2.03 -39.36 15.04
C ASP A 425 -1.96 -38.31 16.14
N LEU A 426 -0.79 -38.17 16.75
CA LEU A 426 -0.62 -37.24 17.85
C LEU A 426 -0.37 -35.84 17.33
N GLU A 427 0.85 -35.60 16.87
CA GLU A 427 1.26 -34.26 16.48
C GLU A 427 0.45 -33.78 15.28
N GLU A 428 0.29 -32.46 15.17
CA GLU A 428 -0.49 -31.87 14.08
C GLU A 428 0.24 -30.73 13.38
N PRO A 429 0.38 -30.83 12.05
CA PRO A 429 1.27 -29.97 11.24
C PRO A 429 0.80 -28.53 11.17
N ARG A 430 1.75 -27.61 11.32
CA ARG A 430 1.43 -26.20 11.34
C ARG A 430 2.13 -25.48 10.21
N ALA A 431 3.37 -25.07 10.45
CA ALA A 431 4.07 -24.21 9.51
C ALA A 431 5.06 -25.02 8.67
N ILE A 432 5.23 -24.64 7.41
CA ILE A 432 5.96 -25.45 6.45
C ILE A 432 6.80 -24.66 5.46
N VAL A 433 8.03 -25.12 5.26
CA VAL A 433 8.92 -24.56 4.27
C VAL A 433 9.60 -25.65 3.40
N LEU A 434 10.07 -25.25 2.22
CA LEU A 434 10.56 -26.16 1.19
C LEU A 434 11.99 -25.86 0.77
N ASP A 435 12.67 -26.89 0.28
CA ASP A 435 13.99 -26.75 -0.33
C ASP A 435 14.05 -27.61 -1.59
N PRO A 436 13.37 -27.17 -2.65
CA PRO A 436 13.23 -28.00 -3.86
C PRO A 436 14.56 -28.42 -4.47
N MET A 437 15.63 -27.74 -4.08
CA MET A 437 16.95 -28.28 -4.31
C MET A 437 17.38 -28.92 -3.00
N VAL A 438 18.15 -30.00 -3.06
CA VAL A 438 18.40 -30.77 -1.85
C VAL A 438 17.20 -31.64 -1.51
N GLY A 439 16.03 -31.30 -2.05
CA GLY A 439 14.87 -32.16 -1.92
C GLY A 439 14.34 -32.38 -0.50
N TYR A 440 14.37 -31.34 0.33
CA TYR A 440 13.80 -31.41 1.68
C TYR A 440 12.57 -30.52 1.89
N MET A 441 11.63 -30.99 2.71
CA MET A 441 10.54 -30.16 3.20
C MET A 441 10.48 -30.15 4.73
N TYR A 442 10.74 -28.99 5.34
CA TYR A 442 10.73 -28.87 6.79
C TYR A 442 9.40 -28.28 7.24
N TRP A 443 8.96 -28.67 8.44
CA TRP A 443 7.75 -28.12 9.00
C TRP A 443 7.75 -28.18 10.53
N THR A 444 7.18 -27.15 11.15
CA THR A 444 6.86 -27.22 12.57
C THR A 444 5.51 -27.93 12.68
N ASP A 445 5.31 -28.67 13.75
CA ASP A 445 3.98 -29.06 14.14
C ASP A 445 3.85 -29.03 15.66
N TRP A 446 2.64 -28.74 16.13
CA TRP A 446 2.34 -28.62 17.54
C TRP A 446 1.96 -30.00 18.01
N GLY A 447 1.37 -30.09 19.19
CA GLY A 447 0.91 -31.38 19.69
C GLY A 447 1.35 -31.56 21.13
N GLU A 448 1.11 -32.74 21.67
CA GLU A 448 1.56 -33.06 23.03
C GLU A 448 3.08 -32.94 23.18
N ILE A 449 3.80 -33.36 22.16
CA ILE A 449 5.23 -33.13 22.11
C ILE A 449 5.56 -32.30 20.90
N PRO A 450 5.52 -30.97 21.05
CA PRO A 450 5.81 -30.08 19.95
C PRO A 450 7.27 -30.19 19.49
N LYS A 451 7.45 -30.54 18.22
CA LYS A 451 8.77 -30.72 17.63
C LYS A 451 8.87 -29.98 16.30
N ILE A 452 10.07 -29.96 15.72
CA ILE A 452 10.27 -29.56 14.33
C ILE A 452 10.84 -30.70 13.49
N GLU A 453 10.03 -31.23 12.57
CA GLU A 453 10.43 -32.38 11.77
C GLU A 453 10.98 -31.93 10.44
N ARG A 454 11.49 -32.89 9.68
CA ARG A 454 11.88 -32.67 8.29
C ARG A 454 11.65 -33.95 7.51
N ALA A 455 11.60 -33.83 6.19
CA ALA A 455 11.54 -35.00 5.33
C ALA A 455 11.91 -34.62 3.93
N ALA A 456 12.08 -35.63 3.08
CA ALA A 456 12.20 -35.43 1.65
C ALA A 456 10.90 -34.84 1.14
N LEU A 457 10.90 -34.39 -0.11
CA LEU A 457 9.71 -33.74 -0.67
C LEU A 457 8.52 -34.66 -0.97
N ASP A 458 8.56 -35.91 -0.47
CA ASP A 458 7.43 -36.83 -0.61
C ASP A 458 7.08 -37.48 0.74
N GLY A 459 7.71 -36.97 1.80
CA GLY A 459 7.36 -37.39 3.15
C GLY A 459 8.14 -38.60 3.62
N SER A 460 9.10 -39.04 2.81
CA SER A 460 9.64 -40.38 2.92
C SER A 460 10.55 -40.57 4.13
N ASP A 461 11.53 -39.69 4.28
CA ASP A 461 12.59 -39.91 5.26
C ASP A 461 12.42 -39.03 6.46
N ARG A 462 11.39 -39.31 7.26
CA ARG A 462 11.09 -38.47 8.40
C ARG A 462 12.25 -38.41 9.38
N VAL A 463 12.76 -37.21 9.61
CA VAL A 463 13.75 -36.95 10.64
C VAL A 463 13.25 -35.84 11.56
N VAL A 464 13.25 -36.09 12.87
CA VAL A 464 12.83 -35.07 13.84
C VAL A 464 13.96 -34.11 14.23
N LEU A 465 14.02 -32.96 13.55
CA LEU A 465 15.10 -31.99 13.72
C LEU A 465 15.23 -31.40 15.12
N VAL A 466 14.11 -31.04 15.74
CA VAL A 466 14.14 -30.42 17.06
C VAL A 466 13.05 -30.99 17.94
N ASN A 467 13.34 -31.12 19.23
CA ASN A 467 12.51 -31.95 20.08
C ASN A 467 12.23 -31.31 21.42
N THR A 468 13.23 -30.60 21.93
CA THR A 468 13.19 -30.13 23.32
C THR A 468 13.16 -28.60 23.48
N SER A 469 12.54 -28.14 24.56
CA SER A 469 12.41 -26.72 24.88
C SER A 469 11.64 -25.95 23.82
N LEU A 470 10.59 -26.59 23.29
CA LEU A 470 9.70 -25.96 22.33
C LEU A 470 8.26 -26.07 22.80
N GLY A 471 7.59 -24.92 22.94
CA GLY A 471 6.21 -24.96 23.37
C GLY A 471 5.23 -24.99 22.21
N TRP A 472 5.07 -23.86 21.53
CA TRP A 472 4.23 -23.79 20.35
C TRP A 472 4.98 -23.16 19.19
N PRO A 473 5.76 -23.96 18.46
CA PRO A 473 6.56 -23.40 17.37
C PRO A 473 5.70 -22.80 16.27
N ASN A 474 6.04 -21.58 15.86
CA ASN A 474 5.19 -20.82 14.95
C ASN A 474 5.78 -20.66 13.58
N GLY A 475 6.37 -19.50 13.33
CA GLY A 475 6.92 -19.24 12.01
C GLY A 475 8.07 -20.18 11.74
N LEU A 476 8.51 -20.22 10.49
CA LEU A 476 9.59 -21.09 10.10
C LEU A 476 10.14 -20.69 8.74
N ALA A 477 11.10 -19.78 8.72
CA ALA A 477 11.73 -19.35 7.48
C ALA A 477 12.96 -20.20 7.14
N LEU A 478 13.52 -19.99 5.95
CA LEU A 478 14.68 -20.75 5.53
C LEU A 478 15.75 -19.92 4.84
N ASP A 479 16.94 -19.84 5.44
CA ASP A 479 18.07 -19.18 4.78
C ASP A 479 18.83 -20.22 3.96
N TYR A 480 18.76 -20.07 2.63
CA TYR A 480 19.16 -21.13 1.71
C TYR A 480 20.68 -21.25 1.59
N ASP A 481 21.31 -20.30 0.93
CA ASP A 481 22.73 -20.43 0.71
C ASP A 481 23.49 -20.02 1.98
N GLU A 482 22.93 -20.35 3.14
CA GLU A 482 23.65 -20.24 4.40
C GLU A 482 23.27 -21.41 5.29
N GLY A 483 22.29 -22.19 4.83
CA GLY A 483 22.02 -23.49 5.43
C GLY A 483 21.52 -23.43 6.86
N LYS A 484 21.00 -22.28 7.25
CA LYS A 484 20.35 -22.13 8.56
C LYS A 484 18.83 -22.08 8.39
N ILE A 485 18.11 -22.37 9.47
CA ILE A 485 16.66 -22.45 9.43
C ILE A 485 16.05 -21.75 10.64
N TYR A 486 15.45 -20.57 10.40
CA TYR A 486 14.93 -19.73 11.47
C TYR A 486 13.49 -20.08 11.83
N TRP A 487 13.16 -20.06 13.12
CA TRP A 487 11.78 -20.32 13.55
C TRP A 487 11.39 -19.52 14.80
N GLY A 488 10.12 -19.60 15.18
CA GLY A 488 9.67 -19.00 16.43
C GLY A 488 8.89 -19.97 17.29
N ASP A 489 8.58 -19.57 18.53
CA ASP A 489 7.69 -20.37 19.37
C ASP A 489 6.88 -19.51 20.33
N ALA A 490 5.56 -19.57 20.19
CA ALA A 490 4.66 -18.67 20.89
C ALA A 490 4.77 -18.87 22.40
N LYS A 491 4.90 -20.12 22.83
CA LYS A 491 4.90 -20.41 24.25
C LYS A 491 6.13 -19.87 24.96
N THR A 492 7.29 -20.09 24.36
CA THR A 492 8.58 -19.77 24.97
C THR A 492 9.00 -18.32 24.69
N ASP A 493 8.45 -17.75 23.63
CA ASP A 493 8.61 -16.33 23.31
C ASP A 493 10.03 -15.98 22.90
N LYS A 494 10.65 -16.82 22.09
CA LYS A 494 11.99 -16.54 21.60
C LYS A 494 12.25 -17.06 20.20
N ILE A 495 12.82 -16.21 19.34
CA ILE A 495 13.18 -16.59 17.98
C ILE A 495 14.56 -17.25 17.95
N GLU A 496 14.60 -18.52 17.56
CA GLU A 496 15.86 -19.28 17.56
C GLU A 496 16.38 -19.56 16.16
N VAL A 497 17.61 -20.01 16.06
CA VAL A 497 18.18 -20.35 14.76
C VAL A 497 18.82 -21.73 14.82
N MET A 498 19.31 -22.22 13.69
CA MET A 498 19.76 -23.59 13.61
C MET A 498 20.56 -23.90 12.36
N ASN A 499 21.35 -24.96 12.44
CA ASN A 499 22.00 -25.53 11.27
C ASN A 499 20.96 -26.35 10.52
N THR A 500 21.15 -26.46 9.22
CA THR A 500 20.20 -27.15 8.35
C THR A 500 19.96 -28.58 8.78
N ASP A 501 20.87 -29.11 9.61
CA ASP A 501 20.76 -30.47 10.13
C ASP A 501 20.40 -30.52 11.62
N GLY A 502 20.15 -29.36 12.22
CA GLY A 502 19.57 -29.35 13.55
C GLY A 502 20.59 -29.29 14.67
N THR A 503 21.63 -28.49 14.47
CA THR A 503 22.79 -28.52 15.34
C THR A 503 23.28 -27.14 15.78
N GLY A 504 23.30 -26.18 14.87
CA GLY A 504 23.84 -24.87 15.21
C GLY A 504 22.97 -24.06 16.15
N ARG A 505 22.12 -24.74 16.91
CA ARG A 505 20.97 -24.11 17.54
C ARG A 505 21.35 -22.96 18.47
N ARG A 506 20.45 -22.00 18.62
CA ARG A 506 20.64 -20.93 19.58
C ARG A 506 19.49 -19.91 19.50
N VAL A 507 19.12 -19.34 20.65
CA VAL A 507 18.24 -18.19 20.69
C VAL A 507 18.89 -17.07 19.89
N LEU A 508 18.13 -16.38 19.06
CA LEU A 508 18.64 -15.20 18.40
C LEU A 508 18.20 -13.97 19.20
N VAL A 509 16.89 -13.74 19.27
CA VAL A 509 16.34 -12.72 20.17
C VAL A 509 15.13 -13.24 20.93
N GLU A 510 14.84 -12.59 22.05
CA GLU A 510 13.59 -12.85 22.74
C GLU A 510 12.51 -11.98 22.13
N ASP A 511 11.25 -12.45 22.20
CA ASP A 511 10.16 -11.73 21.59
C ASP A 511 8.82 -12.27 22.04
N LYS A 512 7.86 -11.36 22.27
CA LYS A 512 6.50 -11.74 22.64
C LYS A 512 5.79 -12.04 21.33
N ILE A 513 5.41 -13.31 21.16
CA ILE A 513 5.02 -13.82 19.85
C ILE A 513 3.55 -14.20 19.82
N PRO A 514 2.81 -13.69 18.83
CA PRO A 514 1.40 -14.04 18.65
C PRO A 514 1.20 -15.51 18.24
N HIS A 515 0.05 -16.07 18.61
CA HIS A 515 -0.28 -17.44 18.23
C HIS A 515 -0.38 -17.63 16.72
N ILE A 516 -0.99 -16.68 16.02
CA ILE A 516 -0.97 -16.69 14.55
C ILE A 516 0.13 -15.75 14.09
N PHE A 517 1.15 -16.30 13.46
CA PHE A 517 2.42 -15.60 13.38
C PHE A 517 2.95 -15.50 11.95
N GLY A 518 3.27 -14.29 11.53
CA GLY A 518 3.84 -14.07 10.22
C GLY A 518 5.35 -13.89 10.33
N PHE A 519 6.09 -14.56 9.46
CA PHE A 519 7.49 -14.81 9.74
C PHE A 519 8.18 -15.32 8.46
N THR A 520 9.03 -14.49 7.89
CA THR A 520 9.66 -14.85 6.63
C THR A 520 11.06 -14.19 6.48
N LEU A 521 11.87 -14.72 5.57
CA LEU A 521 13.24 -14.26 5.45
C LEU A 521 13.50 -13.91 4.01
N LEU A 522 14.33 -12.90 3.80
CA LEU A 522 14.73 -12.58 2.44
C LEU A 522 15.81 -11.53 2.47
N GLY A 523 17.03 -11.94 2.08
CA GLY A 523 18.15 -11.03 1.95
C GLY A 523 18.74 -10.42 3.23
N ASP A 524 19.21 -11.25 4.16
CA ASP A 524 19.81 -10.75 5.40
C ASP A 524 18.78 -10.32 6.45
N TYR A 525 17.58 -9.99 5.96
CA TYR A 525 16.47 -9.52 6.79
C TYR A 525 15.42 -10.59 7.08
N VAL A 526 14.87 -10.52 8.29
CA VAL A 526 13.72 -11.32 8.69
C VAL A 526 12.55 -10.38 8.98
N TYR A 527 11.34 -10.77 8.60
CA TYR A 527 10.15 -9.96 8.92
C TYR A 527 9.14 -10.75 9.73
N TRP A 528 8.72 -10.23 10.87
CA TRP A 528 7.64 -10.86 11.61
C TRP A 528 6.61 -9.87 12.10
N THR A 529 5.53 -10.39 12.67
CA THR A 529 4.47 -9.53 13.16
C THR A 529 4.60 -9.45 14.67
N ASP A 530 4.14 -8.35 15.25
CA ASP A 530 4.29 -8.14 16.68
C ASP A 530 3.25 -8.92 17.44
N TRP A 531 3.20 -8.71 18.75
CA TRP A 531 2.29 -9.44 19.61
C TRP A 531 0.84 -9.02 19.36
N GLN A 532 0.65 -7.78 18.94
CA GLN A 532 -0.68 -7.22 18.77
C GLN A 532 -1.11 -7.26 17.29
N ARG A 533 -0.23 -7.78 16.45
CA ARG A 533 -0.55 -8.00 15.04
C ARG A 533 -0.99 -6.71 14.35
N ARG A 534 -0.44 -5.58 14.81
CA ARG A 534 -0.73 -4.30 14.18
C ARG A 534 0.54 -3.69 13.64
N SER A 535 1.63 -4.44 13.69
CA SER A 535 2.92 -3.93 13.22
C SER A 535 3.86 -5.02 12.72
N ILE A 536 4.76 -4.64 11.83
CA ILE A 536 5.74 -5.58 11.29
C ILE A 536 7.18 -5.09 11.52
N GLU A 537 8.01 -5.99 12.05
CA GLU A 537 9.41 -5.69 12.31
C GLU A 537 10.32 -6.22 11.23
N ARG A 538 11.35 -5.46 10.91
CA ARG A 538 12.42 -5.95 10.07
C ARG A 538 13.62 -6.13 10.95
N VAL A 539 14.17 -7.35 10.93
CA VAL A 539 15.34 -7.68 11.74
C VAL A 539 16.50 -8.18 10.88
N HIS A 540 17.72 -7.74 11.21
CA HIS A 540 18.95 -8.32 10.65
C HIS A 540 19.14 -9.72 11.24
N LYS A 541 19.20 -10.73 10.38
CA LYS A 541 19.51 -12.09 10.82
C LYS A 541 21.01 -12.19 11.11
N ARG A 542 21.81 -11.50 10.28
CA ARG A 542 23.22 -11.24 10.56
C ARG A 542 23.38 -9.78 11.01
N SER A 543 23.16 -9.60 12.31
CA SER A 543 23.38 -8.34 13.04
C SER A 543 22.40 -8.20 14.22
N ALA A 544 21.30 -8.96 14.20
CA ALA A 544 20.39 -9.13 15.35
C ALA A 544 19.44 -7.96 15.66
N GLU A 545 19.68 -6.80 15.05
CA GLU A 545 18.99 -5.57 15.42
C GLU A 545 17.63 -5.41 14.73
N ARG A 546 16.69 -4.82 15.46
CA ARG A 546 15.30 -4.75 15.03
C ARG A 546 14.94 -3.38 14.46
N GLU A 547 13.75 -3.32 13.87
CA GLU A 547 13.20 -2.10 13.32
C GLU A 547 11.73 -2.37 12.94
N VAL A 548 10.93 -1.31 12.86
CA VAL A 548 9.48 -1.41 12.64
C VAL A 548 9.13 -0.65 11.39
N ILE A 549 8.74 -1.36 10.34
CA ILE A 549 8.52 -0.74 9.04
C ILE A 549 7.09 -0.26 8.86
N ILE A 550 6.18 -0.76 9.68
CA ILE A 550 4.78 -0.40 9.56
C ILE A 550 3.97 -0.82 10.77
N ASP A 551 3.24 0.13 11.34
CA ASP A 551 2.33 -0.13 12.47
C ASP A 551 0.90 0.24 12.10
N GLN A 552 0.03 0.16 13.10
CA GLN A 552 -1.36 0.55 12.91
C GLN A 552 -1.98 -0.27 11.77
N LEU A 553 -1.58 -1.53 11.64
CA LEU A 553 -2.19 -2.42 10.66
C LEU A 553 -2.65 -3.66 11.35
N PRO A 554 -3.86 -3.65 11.91
CA PRO A 554 -4.44 -4.73 12.71
C PRO A 554 -4.68 -6.00 11.92
N ASP A 555 -4.87 -7.09 12.67
CA ASP A 555 -5.27 -8.37 12.13
C ASP A 555 -4.25 -8.95 11.13
N LEU A 556 -2.99 -8.54 11.23
CA LEU A 556 -1.95 -9.20 10.45
C LEU A 556 -1.91 -10.70 10.80
N MET A 557 -1.97 -11.57 9.79
CA MET A 557 -1.93 -13.00 10.05
C MET A 557 -0.64 -13.66 9.58
N GLY A 558 -0.31 -13.52 8.31
CA GLY A 558 0.85 -14.21 7.77
C GLY A 558 1.58 -13.40 6.73
N LEU A 559 2.90 -13.56 6.68
CA LEU A 559 3.74 -12.76 5.79
C LEU A 559 4.54 -13.67 4.88
N LYS A 560 4.98 -13.12 3.74
CA LYS A 560 5.89 -13.81 2.85
C LYS A 560 6.73 -12.77 2.14
N ALA A 561 8.04 -12.79 2.39
CA ALA A 561 8.95 -11.92 1.65
C ALA A 561 9.50 -12.74 0.49
N THR A 562 9.56 -12.13 -0.69
CA THR A 562 9.76 -12.88 -1.90
C THR A 562 10.27 -11.97 -2.98
N ASN A 563 11.15 -12.48 -3.83
CA ASN A 563 11.47 -11.82 -5.09
C ASN A 563 10.24 -11.89 -5.98
N VAL A 564 10.09 -10.93 -6.89
CA VAL A 564 9.10 -11.08 -7.96
C VAL A 564 9.85 -11.56 -9.21
N HIS A 565 9.29 -12.53 -9.92
CA HIS A 565 9.98 -13.11 -11.08
C HIS A 565 11.20 -13.97 -10.71
N ARG A 566 12.12 -13.42 -9.93
CA ARG A 566 13.40 -14.07 -9.64
C ARG A 566 13.25 -15.43 -8.97
N VAL A 567 13.93 -16.43 -9.51
CA VAL A 567 13.82 -17.78 -9.02
C VAL A 567 15.19 -18.44 -8.91
N ILE A 568 15.31 -19.40 -8.01
CA ILE A 568 16.61 -19.94 -7.63
C ILE A 568 16.52 -21.42 -7.33
N GLY A 569 17.50 -22.18 -7.82
CA GLY A 569 17.57 -23.60 -7.51
C GLY A 569 16.88 -24.41 -8.57
N SER A 570 17.09 -25.73 -8.56
CA SER A 570 16.42 -26.61 -9.53
C SER A 570 16.75 -28.08 -9.25
N ASN A 571 16.02 -28.97 -9.94
CA ASN A 571 16.26 -30.41 -9.83
C ASN A 571 15.54 -31.12 -11.00
N PRO A 572 15.84 -32.40 -11.24
CA PRO A 572 15.36 -33.08 -12.46
C PRO A 572 13.86 -33.11 -12.68
N CYS A 573 13.09 -32.80 -11.63
CA CYS A 573 11.64 -32.69 -11.77
C CYS A 573 11.29 -31.56 -12.75
N ALA A 574 12.17 -30.57 -12.87
CA ALA A 574 11.93 -29.45 -13.75
C ALA A 574 12.02 -29.91 -15.21
N GLU A 575 12.51 -31.13 -15.40
CA GLU A 575 12.61 -31.70 -16.73
C GLU A 575 11.36 -32.50 -17.07
N GLU A 576 10.42 -31.86 -17.76
CA GLU A 576 9.18 -32.53 -18.12
C GLU A 576 8.64 -33.35 -16.94
N ASN A 577 8.65 -32.76 -15.75
CA ASN A 577 8.00 -33.34 -14.58
C ASN A 577 8.62 -34.67 -14.17
N GLY A 578 9.93 -34.81 -14.38
CA GLY A 578 10.62 -36.03 -13.98
C GLY A 578 10.29 -37.26 -14.82
N GLY A 579 9.37 -37.11 -15.77
CA GLY A 579 8.95 -38.23 -16.57
C GLY A 579 7.72 -38.86 -15.97
N CYS A 580 7.27 -38.29 -14.86
CA CYS A 580 6.10 -38.82 -14.16
C CYS A 580 4.84 -38.22 -14.77
N SER A 581 3.80 -39.03 -14.88
CA SER A 581 2.58 -38.61 -15.58
C SER A 581 1.66 -37.74 -14.72
N HIS A 582 1.95 -37.68 -13.42
CA HIS A 582 1.09 -37.00 -12.46
C HIS A 582 1.92 -36.19 -11.47
N LEU A 583 2.27 -36.82 -10.35
CA LEU A 583 3.09 -36.15 -9.34
C LEU A 583 4.56 -36.57 -9.39
N CYS A 584 5.43 -35.58 -9.47
CA CYS A 584 6.86 -35.81 -9.39
C CYS A 584 7.47 -35.18 -8.12
N LEU A 585 7.94 -36.03 -7.21
CA LEU A 585 8.41 -35.55 -5.90
C LEU A 585 9.90 -35.80 -5.65
N TYR A 586 10.67 -34.73 -5.61
CA TYR A 586 12.12 -34.82 -5.54
C TYR A 586 12.63 -35.30 -4.18
N ARG A 587 13.70 -36.08 -4.20
CA ARG A 587 14.36 -36.57 -2.99
C ARG A 587 15.86 -36.44 -3.14
N PRO A 588 16.62 -36.56 -2.02
CA PRO A 588 18.07 -36.43 -2.04
C PRO A 588 18.70 -37.49 -2.94
N GLN A 589 18.33 -38.75 -2.71
CA GLN A 589 18.67 -39.80 -3.65
C GLN A 589 18.22 -39.46 -5.08
N GLY A 590 16.92 -39.24 -5.26
CA GLY A 590 16.44 -38.87 -6.58
C GLY A 590 14.93 -38.89 -6.62
N LEU A 591 14.35 -38.25 -7.63
CA LEU A 591 12.91 -38.02 -7.65
C LEU A 591 12.15 -39.34 -7.60
N ARG A 592 10.93 -39.29 -7.07
CA ARG A 592 10.04 -40.44 -7.11
C ARG A 592 8.69 -39.96 -7.65
N CYS A 593 8.09 -40.72 -8.55
CA CYS A 593 6.78 -40.34 -9.09
C CYS A 593 5.64 -40.91 -8.25
N ALA A 594 4.56 -40.15 -8.16
CA ALA A 594 3.45 -40.56 -7.31
C ALA A 594 2.11 -40.36 -7.99
N CYS A 595 1.05 -40.76 -7.32
CA CYS A 595 -0.26 -40.73 -7.94
C CYS A 595 -1.36 -40.20 -7.04
N PRO A 596 -2.38 -39.60 -7.64
CA PRO A 596 -3.58 -39.20 -6.92
C PRO A 596 -4.30 -40.40 -6.33
N ILE A 597 -5.21 -40.14 -5.40
CA ILE A 597 -5.85 -41.22 -4.66
C ILE A 597 -6.65 -42.11 -5.61
N GLY A 598 -6.47 -43.41 -5.47
CA GLY A 598 -7.22 -44.37 -6.27
C GLY A 598 -6.42 -44.91 -7.43
N PHE A 599 -5.40 -44.16 -7.84
CA PHE A 599 -4.56 -44.57 -8.96
C PHE A 599 -3.52 -45.60 -8.58
N GLU A 600 -2.79 -46.07 -9.59
CA GLU A 600 -1.77 -47.08 -9.41
C GLU A 600 -0.54 -46.79 -10.26
N LEU A 601 0.64 -46.86 -9.64
CA LEU A 601 1.91 -46.71 -10.37
C LEU A 601 2.29 -48.03 -11.06
N ILE A 602 2.50 -47.96 -12.36
CA ILE A 602 2.90 -49.12 -13.14
C ILE A 602 4.39 -49.31 -12.97
N SER A 603 4.90 -50.46 -13.42
CA SER A 603 6.29 -50.81 -13.21
C SER A 603 7.27 -49.87 -13.90
N ASP A 604 6.78 -49.01 -14.78
CA ASP A 604 7.57 -47.87 -15.25
C ASP A 604 8.20 -47.13 -14.07
N MET A 605 7.49 -47.13 -12.95
CA MET A 605 7.82 -46.26 -11.84
C MET A 605 7.67 -44.80 -12.31
N LYS A 606 6.90 -44.62 -13.38
CA LYS A 606 6.72 -43.31 -13.99
C LYS A 606 5.25 -43.01 -14.28
N THR A 607 4.41 -44.03 -14.34
CA THR A 607 3.08 -43.83 -14.88
C THR A 607 1.96 -44.29 -13.95
N CYS A 608 0.87 -43.54 -13.93
CA CYS A 608 -0.29 -43.96 -13.14
C CYS A 608 -1.50 -44.28 -14.02
N ILE A 609 -2.26 -45.29 -13.61
CA ILE A 609 -3.53 -45.59 -14.26
C ILE A 609 -4.58 -45.97 -13.20
N VAL A 610 -5.84 -45.98 -13.61
CA VAL A 610 -6.91 -46.43 -12.73
C VAL A 610 -7.15 -47.91 -12.92
N PRO A 611 -6.98 -48.72 -11.87
CA PRO A 611 -7.06 -50.18 -11.98
C PRO A 611 -8.47 -50.70 -12.29
N GLU A 612 -8.54 -51.90 -12.87
CA GLU A 612 -9.81 -52.51 -13.30
C GLU A 612 -10.52 -51.69 -14.37
N ALA A 613 -9.75 -50.89 -15.11
CA ALA A 613 -10.31 -50.06 -16.19
C ALA A 613 -10.39 -50.81 -17.52
N PHE A 614 -9.26 -50.86 -18.23
CA PHE A 614 -9.16 -51.49 -19.54
C PHE A 614 -8.71 -52.96 -19.47
N LEU A 615 -8.29 -53.50 -20.61
CA LEU A 615 -7.53 -54.74 -20.68
C LEU A 615 -6.30 -54.59 -21.60
N LEU A 616 -6.26 -53.48 -22.36
CA LEU A 616 -5.13 -53.12 -23.22
C LEU A 616 -4.88 -54.09 -24.38
C1 NAG B . -1.47 28.53 -22.89
C2 NAG B . -1.49 29.66 -23.91
C3 NAG B . -0.65 29.25 -25.14
C4 NAG B . 0.74 28.67 -24.77
C5 NAG B . 0.68 27.72 -23.55
C6 NAG B . 2.06 27.44 -22.96
C7 NAG B . -3.33 31.20 -24.28
C8 NAG B . -3.55 31.90 -25.62
N2 NAG B . -2.86 29.95 -24.32
O3 NAG B . -0.48 30.39 -25.98
O4 NAG B . 1.25 27.91 -25.90
O5 NAG B . -0.12 28.27 -22.48
O6 NAG B . 2.78 28.64 -22.70
O7 NAG B . -3.58 31.78 -23.23
C1 NAG B . 2.37 28.39 -26.57
C2 NAG B . 1.99 29.58 -27.49
C3 NAG B . 3.24 30.19 -28.14
C4 NAG B . 4.31 30.50 -27.07
C5 NAG B . 4.58 29.26 -26.20
C6 NAG B . 5.55 29.53 -25.06
C7 NAG B . 0.62 29.99 -29.44
C8 NAG B . 1.24 29.95 -30.83
N2 NAG B . 1.09 29.12 -28.54
O3 NAG B . 2.90 31.38 -28.82
O4 NAG B . 5.52 30.91 -27.71
O5 NAG B . 3.35 28.79 -25.60
O6 NAG B . 5.95 30.90 -25.02
O7 NAG B . -0.26 30.80 -29.17
C1 NAG C . 13.00 -36.61 20.80
C2 NAG C . 14.38 -36.68 20.11
C3 NAG C . 14.72 -38.08 19.56
C4 NAG C . 14.43 -39.16 20.62
C5 NAG C . 12.99 -39.00 21.11
C6 NAG C . 12.61 -40.03 22.15
C7 NAG C . 15.53 -35.06 18.72
C8 NAG C . 16.39 -35.62 17.59
N2 NAG C . 14.42 -35.72 19.02
O3 NAG C . 16.09 -38.12 19.22
O4 NAG C . 14.61 -40.47 20.04
O5 NAG C . 12.83 -37.70 21.72
O6 NAG C . 13.23 -39.77 23.41
O7 NAG C . 15.89 -34.03 19.30
C1 NAG C . 15.51 -41.36 20.63
C2 NAG C . 16.82 -41.40 19.83
C3 NAG C . 17.84 -42.35 20.51
C4 NAG C . 17.96 -42.06 22.02
C5 NAG C . 16.57 -41.93 22.70
C6 NAG C . 16.68 -41.45 24.14
C7 NAG C . 17.53 -42.01 17.60
C8 NAG C . 18.01 -43.42 17.32
N2 NAG C . 16.54 -41.87 18.48
O3 NAG C . 19.11 -42.20 19.90
O4 NAG C . 18.74 -43.11 22.68
O5 NAG C . 15.76 -40.97 21.99
O6 NAG C . 15.40 -41.21 24.72
O7 NAG C . 18.03 -41.06 17.00
C1 NAG D . -3.14 -28.23 -13.99
C2 NAG D . -1.93 -29.18 -14.05
C3 NAG D . -1.63 -29.74 -15.45
C4 NAG D . -2.82 -29.89 -16.41
C5 NAG D . -3.84 -28.75 -16.19
C6 NAG D . -5.12 -28.89 -16.96
C7 NAG D . 0.21 -28.15 -14.49
C8 NAG D . 1.47 -29.01 -14.50
N2 NAG D . -0.74 -28.47 -13.61
O3 NAG D . -1.00 -31.00 -15.30
O4 NAG D . -2.36 -29.85 -17.78
O5 NAG D . -4.21 -28.70 -14.80
O6 NAG D . -6.17 -28.18 -16.31
O7 NAG D . 0.11 -27.20 -15.27
C1 NAG D . -1.91 -31.02 -18.39
C2 NAG D . -0.42 -31.29 -18.05
C3 NAG D . 0.01 -32.66 -18.58
C4 NAG D . -0.95 -33.76 -18.10
C5 NAG D . -2.40 -33.39 -18.46
C6 NAG D . -3.40 -34.39 -17.94
C7 NAG D . 1.60 -29.95 -18.02
C8 NAG D . 2.03 -28.50 -18.14
N2 NAG D . 0.45 -30.27 -18.62
O3 NAG D . 1.33 -32.94 -18.14
O4 NAG D . -0.60 -34.99 -18.71
O5 NAG D . -2.75 -32.11 -17.91
O6 NAG D . -2.95 -35.00 -16.74
O7 NAG D . 2.30 -30.76 -17.40
P PO4 E . -7.12 28.84 -5.37
O1 PO4 E . -7.65 29.60 -4.21
O2 PO4 E . -5.66 29.11 -5.52
O3 PO4 E . -7.34 27.38 -5.14
O4 PO4 E . -7.85 29.26 -6.61
P PO4 F . 3.02 -24.56 -14.45
O1 PO4 F . 2.93 -24.04 -13.07
O2 PO4 F . 4.19 -23.94 -15.14
O3 PO4 F . 3.18 -26.04 -14.43
O4 PO4 F . 1.77 -24.20 -15.20
#